data_2EMM
#
_entry.id   2EMM
#
loop_
_entity.id
_entity.type
_entity.pdbx_description
1 polymer 'Zinc finger protein 95 homolog'
2 non-polymer 'ZINC ION'
#
_entity_poly.entity_id   1
_entity_poly.type   'polypeptide(L)'
_entity_poly.pdbx_seq_one_letter_code
;GSSGSSGTGERPHKCNECGKSFIQSAHLIQHQRIHTGEKPSGPSSG
;
_entity_poly.pdbx_strand_id   A
#
# COMPACT_ATOMS: atom_id res chain seq x y z
N GLY A 1 14.12 11.77 -11.02
CA GLY A 1 13.43 10.49 -11.04
C GLY A 1 13.98 9.52 -10.03
N SER A 2 13.27 9.36 -8.92
CA SER A 2 13.69 8.45 -7.87
C SER A 2 13.14 7.04 -8.11
N SER A 3 13.98 6.16 -8.63
CA SER A 3 13.57 4.79 -8.92
C SER A 3 13.30 4.02 -7.62
N GLY A 4 12.06 3.56 -7.45
CA GLY A 4 11.70 2.83 -6.26
C GLY A 4 10.95 1.55 -6.58
N SER A 5 11.37 0.44 -5.96
CA SER A 5 10.73 -0.84 -6.18
C SER A 5 11.00 -1.35 -7.60
N SER A 6 12.24 -1.18 -8.04
CA SER A 6 12.63 -1.62 -9.39
C SER A 6 13.76 -2.64 -9.32
N GLY A 7 13.47 -3.87 -9.74
CA GLY A 7 14.47 -4.92 -9.71
C GLY A 7 13.87 -6.29 -9.97
N THR A 8 14.37 -7.30 -9.25
CA THR A 8 13.88 -8.66 -9.39
C THR A 8 12.98 -9.05 -8.23
N GLY A 9 11.86 -9.70 -8.55
CA GLY A 9 10.93 -10.12 -7.52
C GLY A 9 9.82 -9.12 -7.29
N GLU A 10 8.65 -9.38 -7.86
CA GLU A 10 7.51 -8.48 -7.72
C GLU A 10 6.28 -9.26 -7.26
N ARG A 11 5.24 -8.52 -6.87
CA ARG A 11 4.00 -9.13 -6.41
C ARG A 11 2.80 -8.60 -7.18
N PRO A 12 1.80 -9.47 -7.41
CA PRO A 12 0.59 -9.12 -8.15
C PRO A 12 -0.30 -8.16 -7.36
N HIS A 13 0.11 -7.85 -6.13
CA HIS A 13 -0.66 -6.94 -5.28
C HIS A 13 0.24 -5.84 -4.72
N LYS A 14 -0.22 -4.60 -4.84
CA LYS A 14 0.55 -3.46 -4.35
C LYS A 14 -0.38 -2.42 -3.72
N CYS A 15 0.10 -1.77 -2.67
CA CYS A 15 -0.68 -0.75 -1.97
C CYS A 15 -0.75 0.54 -2.79
N ASN A 16 -1.94 1.13 -2.85
CA ASN A 16 -2.13 2.37 -3.60
C ASN A 16 -1.96 3.58 -2.70
N GLU A 17 -1.80 3.33 -1.40
CA GLU A 17 -1.61 4.40 -0.43
C GLU A 17 -0.14 4.82 -0.35
N CYS A 18 0.73 3.84 -0.12
CA CYS A 18 2.16 4.10 -0.02
C CYS A 18 2.90 3.56 -1.24
N GLY A 19 2.62 2.31 -1.59
CA GLY A 19 3.27 1.70 -2.73
C GLY A 19 3.86 0.33 -2.40
N LYS A 20 3.67 -0.11 -1.17
CA LYS A 20 4.19 -1.39 -0.73
C LYS A 20 3.62 -2.53 -1.57
N SER A 21 4.08 -3.75 -1.31
CA SER A 21 3.62 -4.92 -2.06
C SER A 21 3.54 -6.14 -1.15
N PHE A 22 2.66 -7.07 -1.49
CA PHE A 22 2.48 -8.29 -0.71
C PHE A 22 2.25 -9.49 -1.61
N ILE A 23 2.66 -10.67 -1.14
CA ILE A 23 2.50 -11.89 -1.92
C ILE A 23 1.02 -12.20 -2.14
N GLN A 24 0.24 -12.20 -1.06
CA GLN A 24 -1.18 -12.49 -1.15
C GLN A 24 -2.00 -11.21 -0.96
N SER A 25 -3.20 -11.20 -1.52
CA SER A 25 -4.08 -10.03 -1.43
C SER A 25 -4.46 -9.77 0.03
N ALA A 26 -4.99 -10.78 0.70
CA ALA A 26 -5.38 -10.66 2.09
C ALA A 26 -4.35 -9.88 2.90
N HIS A 27 -3.08 -10.04 2.53
CA HIS A 27 -2.00 -9.36 3.21
C HIS A 27 -2.07 -7.85 2.99
N LEU A 28 -2.34 -7.46 1.75
CA LEU A 28 -2.44 -6.05 1.40
C LEU A 28 -3.74 -5.45 1.93
N ILE A 29 -4.86 -6.07 1.57
CA ILE A 29 -6.16 -5.60 2.01
C ILE A 29 -6.14 -5.22 3.48
N GLN A 30 -5.32 -5.91 4.26
CA GLN A 30 -5.20 -5.65 5.69
C GLN A 30 -4.26 -4.48 5.95
N HIS A 31 -3.18 -4.41 5.19
CA HIS A 31 -2.20 -3.34 5.33
C HIS A 31 -2.83 -1.98 5.04
N GLN A 32 -3.44 -1.86 3.87
CA GLN A 32 -4.09 -0.61 3.46
C GLN A 32 -4.80 0.04 4.65
N ARG A 33 -5.21 -0.78 5.61
CA ARG A 33 -5.90 -0.30 6.79
C ARG A 33 -5.05 0.73 7.53
N ILE A 34 -3.77 0.40 7.74
CA ILE A 34 -2.86 1.29 8.44
C ILE A 34 -2.98 2.73 7.94
N HIS A 35 -3.47 2.86 6.71
CA HIS A 35 -3.65 4.18 6.10
C HIS A 35 -5.01 4.77 6.46
N THR A 36 -6.05 3.95 6.33
CA THR A 36 -7.40 4.39 6.64
C THR A 36 -7.89 3.78 7.95
N GLY A 37 -8.06 4.61 8.97
CA GLY A 37 -8.53 4.13 10.25
C GLY A 37 -9.98 4.47 10.50
N GLU A 38 -10.34 4.64 11.78
CA GLU A 38 -11.71 4.96 12.15
C GLU A 38 -11.82 6.40 12.65
N LYS A 39 -12.68 7.18 12.00
CA LYS A 39 -12.88 8.57 12.39
C LYS A 39 -14.36 8.88 12.57
N PRO A 40 -14.91 8.51 13.74
CA PRO A 40 -16.31 8.73 14.06
C PRO A 40 -16.63 10.21 14.27
N SER A 41 -15.60 11.04 14.22
CA SER A 41 -15.76 12.48 14.41
C SER A 41 -16.16 13.16 13.09
N GLY A 42 -15.55 12.73 12.00
CA GLY A 42 -15.87 13.30 10.70
C GLY A 42 -17.35 13.54 10.51
N PRO A 43 -17.70 14.58 9.75
CA PRO A 43 -19.09 14.94 9.47
C PRO A 43 -19.78 13.93 8.57
N SER A 44 -18.99 13.27 7.73
CA SER A 44 -19.53 12.27 6.79
C SER A 44 -20.54 11.38 7.49
N SER A 45 -21.80 11.50 7.10
CA SER A 45 -22.87 10.69 7.68
C SER A 45 -22.55 9.20 7.57
N GLY A 46 -23.08 8.42 8.50
CA GLY A 46 -22.85 6.99 8.49
C GLY A 46 -21.45 6.62 8.97
N GLY A 1 21.66 2.75 -7.01
CA GLY A 1 21.51 2.06 -8.27
C GLY A 1 20.98 0.64 -8.10
N SER A 2 20.45 0.08 -9.18
CA SER A 2 19.89 -1.27 -9.15
C SER A 2 18.99 -1.45 -7.93
N SER A 3 18.17 -0.44 -7.64
CA SER A 3 17.27 -0.49 -6.50
C SER A 3 16.09 -1.42 -6.78
N GLY A 4 15.84 -2.34 -5.85
CA GLY A 4 14.75 -3.28 -6.01
C GLY A 4 13.70 -3.14 -4.93
N SER A 5 12.94 -4.21 -4.70
CA SER A 5 11.89 -4.20 -3.69
C SER A 5 12.17 -5.24 -2.60
N SER A 6 12.99 -4.85 -1.63
CA SER A 6 13.34 -5.74 -0.54
C SER A 6 13.49 -7.17 -1.03
N GLY A 7 14.11 -7.34 -2.19
CA GLY A 7 14.31 -8.65 -2.75
C GLY A 7 14.12 -8.68 -4.25
N THR A 8 13.91 -9.87 -4.81
CA THR A 8 13.73 -10.02 -6.25
C THR A 8 12.32 -10.52 -6.57
N GLY A 9 11.71 -9.93 -7.60
CA GLY A 9 10.38 -10.34 -7.99
C GLY A 9 9.31 -9.36 -7.49
N GLU A 10 8.35 -9.06 -8.36
CA GLU A 10 7.27 -8.14 -8.00
C GLU A 10 6.00 -8.90 -7.63
N ARG A 11 5.09 -8.24 -6.93
CA ARG A 11 3.84 -8.85 -6.52
C ARG A 11 2.66 -8.18 -7.20
N PRO A 12 1.62 -8.97 -7.51
CA PRO A 12 0.41 -8.47 -8.16
C PRO A 12 -0.43 -7.59 -7.25
N HIS A 13 0.01 -7.47 -5.99
CA HIS A 13 -0.70 -6.66 -5.01
C HIS A 13 0.16 -5.51 -4.53
N LYS A 14 -0.09 -4.32 -5.05
CA LYS A 14 0.67 -3.12 -4.67
C LYS A 14 -0.22 -2.14 -3.92
N CYS A 15 0.23 -1.72 -2.74
CA CYS A 15 -0.51 -0.77 -1.93
C CYS A 15 -0.68 0.56 -2.66
N ASN A 16 -1.93 0.97 -2.83
CA ASN A 16 -2.23 2.23 -3.51
C ASN A 16 -2.22 3.40 -2.53
N GLU A 17 -1.54 3.22 -1.41
CA GLU A 17 -1.45 4.25 -0.39
C GLU A 17 0.00 4.68 -0.17
N CYS A 18 0.91 3.70 -0.20
CA CYS A 18 2.32 3.98 -0.01
C CYS A 18 3.16 3.36 -1.12
N GLY A 19 2.81 2.14 -1.50
CA GLY A 19 3.53 1.45 -2.56
C GLY A 19 3.89 0.03 -2.17
N LYS A 20 3.93 -0.25 -0.88
CA LYS A 20 4.27 -1.57 -0.38
C LYS A 20 3.36 -2.63 -1.00
N SER A 21 3.96 -3.70 -1.50
CA SER A 21 3.21 -4.78 -2.13
C SER A 21 3.30 -6.05 -1.30
N PHE A 22 2.41 -7.00 -1.59
CA PHE A 22 2.39 -8.27 -0.87
C PHE A 22 2.07 -9.43 -1.80
N ILE A 23 2.49 -10.63 -1.43
CA ILE A 23 2.25 -11.82 -2.24
C ILE A 23 0.78 -12.22 -2.20
N GLN A 24 0.21 -12.26 -1.00
CA GLN A 24 -1.19 -12.63 -0.82
C GLN A 24 -2.07 -11.38 -0.70
N SER A 25 -3.25 -11.44 -1.30
CA SER A 25 -4.19 -10.31 -1.26
C SER A 25 -4.59 -9.99 0.17
N ALA A 26 -4.69 -11.03 1.00
CA ALA A 26 -5.07 -10.86 2.39
C ALA A 26 -4.06 -9.99 3.14
N HIS A 27 -2.79 -10.11 2.75
CA HIS A 27 -1.72 -9.33 3.37
C HIS A 27 -1.90 -7.85 3.08
N LEU A 28 -2.28 -7.53 1.86
CA LEU A 28 -2.48 -6.14 1.44
C LEU A 28 -3.78 -5.59 2.02
N ILE A 29 -4.88 -6.24 1.69
CA ILE A 29 -6.20 -5.80 2.17
C ILE A 29 -6.11 -5.33 3.62
N GLN A 30 -5.26 -5.97 4.40
CA GLN A 30 -5.09 -5.61 5.80
C GLN A 30 -4.15 -4.41 5.94
N HIS A 31 -3.08 -4.40 5.17
CA HIS A 31 -2.11 -3.31 5.21
C HIS A 31 -2.76 -1.99 4.81
N GLN A 32 -3.43 -1.98 3.66
CA GLN A 32 -4.10 -0.78 3.17
C GLN A 32 -4.90 -0.11 4.29
N ARG A 33 -5.23 -0.90 5.32
CA ARG A 33 -6.00 -0.38 6.44
C ARG A 33 -5.22 0.72 7.17
N ILE A 34 -3.93 0.51 7.33
CA ILE A 34 -3.08 1.48 8.02
C ILE A 34 -3.21 2.86 7.39
N HIS A 35 -3.76 2.91 6.18
CA HIS A 35 -3.95 4.18 5.48
C HIS A 35 -5.43 4.56 5.43
N THR A 36 -6.19 4.08 6.42
CA THR A 36 -7.62 4.37 6.50
C THR A 36 -8.11 4.35 7.94
N GLY A 37 -8.75 5.44 8.35
CA GLY A 37 -9.26 5.53 9.70
C GLY A 37 -8.42 6.43 10.59
N GLU A 38 -8.12 7.63 10.10
CA GLU A 38 -7.31 8.59 10.85
C GLU A 38 -8.03 9.94 10.95
N LYS A 39 -8.99 10.02 11.86
CA LYS A 39 -9.75 11.25 12.06
C LYS A 39 -10.04 11.94 10.73
N PRO A 40 -10.57 11.16 9.76
CA PRO A 40 -10.90 11.68 8.44
C PRO A 40 -12.09 12.64 8.46
N SER A 41 -11.86 13.88 8.05
CA SER A 41 -12.91 14.89 8.03
C SER A 41 -13.16 15.39 6.61
N GLY A 42 -14.37 15.88 6.37
CA GLY A 42 -14.71 16.39 5.05
C GLY A 42 -14.39 15.39 3.95
N PRO A 43 -14.27 15.90 2.71
CA PRO A 43 -13.96 15.07 1.54
C PRO A 43 -12.54 14.54 1.56
N SER A 44 -12.36 13.36 2.16
CA SER A 44 -11.04 12.74 2.26
C SER A 44 -10.42 12.60 0.88
N SER A 45 -11.13 11.95 -0.03
CA SER A 45 -10.64 11.74 -1.39
C SER A 45 -11.68 12.20 -2.42
N GLY A 46 -11.29 12.15 -3.69
CA GLY A 46 -12.20 12.56 -4.75
C GLY A 46 -11.63 12.29 -6.13
N GLY A 1 14.33 8.83 -7.05
CA GLY A 1 14.62 8.31 -8.38
C GLY A 1 14.13 6.88 -8.55
N SER A 2 14.25 6.36 -9.76
CA SER A 2 13.83 5.00 -10.06
C SER A 2 14.93 4.22 -10.77
N SER A 3 15.17 3.00 -10.32
CA SER A 3 16.20 2.15 -10.91
C SER A 3 15.62 1.28 -12.01
N GLY A 4 14.62 0.48 -11.67
CA GLY A 4 14.00 -0.41 -12.64
C GLY A 4 14.97 -1.39 -13.25
N SER A 5 15.26 -2.46 -12.52
CA SER A 5 16.19 -3.48 -12.99
C SER A 5 15.58 -4.30 -14.11
N SER A 6 16.35 -4.54 -15.17
CA SER A 6 15.88 -5.31 -16.31
C SER A 6 15.47 -6.72 -15.89
N GLY A 7 14.18 -6.98 -15.88
CA GLY A 7 13.68 -8.29 -15.49
C GLY A 7 12.45 -8.21 -14.60
N THR A 8 11.53 -9.14 -14.81
CA THR A 8 10.29 -9.17 -14.03
C THR A 8 10.54 -9.74 -12.64
N GLY A 9 9.90 -9.15 -11.63
CA GLY A 9 10.07 -9.62 -10.26
C GLY A 9 9.31 -8.77 -9.26
N GLU A 10 7.99 -8.70 -9.44
CA GLU A 10 7.15 -7.92 -8.54
C GLU A 10 5.93 -8.72 -8.09
N ARG A 11 5.14 -8.14 -7.19
CA ARG A 11 3.95 -8.81 -6.68
C ARG A 11 2.70 -8.27 -7.37
N PRO A 12 1.71 -9.16 -7.59
CA PRO A 12 0.45 -8.80 -8.24
C PRO A 12 -0.43 -7.92 -7.36
N HIS A 13 0.04 -7.67 -6.13
CA HIS A 13 -0.70 -6.84 -5.19
C HIS A 13 0.18 -5.72 -4.65
N LYS A 14 -0.13 -4.49 -5.03
CA LYS A 14 0.63 -3.33 -4.58
C LYS A 14 -0.27 -2.31 -3.90
N CYS A 15 0.19 -1.78 -2.78
CA CYS A 15 -0.58 -0.79 -2.04
C CYS A 15 -0.75 0.50 -2.85
N ASN A 16 -1.98 0.99 -2.93
CA ASN A 16 -2.27 2.20 -3.67
C ASN A 16 -2.29 3.42 -2.75
N GLU A 17 -1.66 3.28 -1.60
CA GLU A 17 -1.60 4.36 -0.62
C GLU A 17 -0.16 4.78 -0.35
N CYS A 18 0.73 3.81 -0.29
CA CYS A 18 2.15 4.08 -0.04
C CYS A 18 3.01 3.47 -1.14
N GLY A 19 2.73 2.22 -1.48
CA GLY A 19 3.50 1.54 -2.51
C GLY A 19 3.88 0.12 -2.13
N LYS A 20 3.93 -0.14 -0.83
CA LYS A 20 4.28 -1.46 -0.33
C LYS A 20 3.42 -2.54 -1.00
N SER A 21 4.08 -3.59 -1.46
CA SER A 21 3.38 -4.70 -2.12
C SER A 21 3.39 -5.96 -1.26
N PHE A 22 2.52 -6.90 -1.57
CA PHE A 22 2.44 -8.15 -0.82
C PHE A 22 2.20 -9.33 -1.76
N ILE A 23 2.45 -10.53 -1.26
CA ILE A 23 2.26 -11.74 -2.06
C ILE A 23 0.79 -12.14 -2.10
N GLN A 24 0.17 -12.21 -0.93
CA GLN A 24 -1.24 -12.58 -0.83
C GLN A 24 -2.12 -11.34 -0.66
N SER A 25 -3.18 -11.26 -1.47
CA SER A 25 -4.08 -10.12 -1.41
C SER A 25 -4.50 -9.83 0.03
N ALA A 26 -4.87 -10.88 0.75
CA ALA A 26 -5.29 -10.75 2.15
C ALA A 26 -4.29 -9.90 2.93
N HIS A 27 -3.00 -10.18 2.73
CA HIS A 27 -1.95 -9.45 3.43
C HIS A 27 -2.08 -7.94 3.17
N LEU A 28 -2.22 -7.57 1.91
CA LEU A 28 -2.34 -6.17 1.53
C LEU A 28 -3.66 -5.59 2.03
N ILE A 29 -4.76 -6.21 1.64
CA ILE A 29 -6.09 -5.75 2.06
C ILE A 29 -6.08 -5.32 3.51
N GLN A 30 -5.28 -5.99 4.33
CA GLN A 30 -5.18 -5.68 5.75
C GLN A 30 -4.20 -4.53 5.99
N HIS A 31 -3.16 -4.47 5.16
CA HIS A 31 -2.14 -3.44 5.28
C HIS A 31 -2.72 -2.08 4.88
N GLN A 32 -3.56 -2.07 3.85
CA GLN A 32 -4.16 -0.83 3.37
C GLN A 32 -4.94 -0.15 4.49
N ARG A 33 -5.19 -0.87 5.57
CA ARG A 33 -5.92 -0.33 6.70
C ARG A 33 -5.05 0.65 7.49
N ILE A 34 -3.75 0.64 7.21
CA ILE A 34 -2.81 1.52 7.89
C ILE A 34 -2.97 2.97 7.41
N HIS A 35 -3.68 3.14 6.30
CA HIS A 35 -3.90 4.46 5.74
C HIS A 35 -5.37 4.86 5.86
N THR A 36 -6.26 3.93 5.55
CA THR A 36 -7.69 4.17 5.62
C THR A 36 -8.16 4.28 7.05
N GLY A 37 -8.02 5.48 7.63
CA GLY A 37 -8.44 5.69 9.00
C GLY A 37 -9.23 6.98 9.17
N GLU A 38 -8.86 7.77 10.18
CA GLU A 38 -9.54 9.03 10.44
C GLU A 38 -9.69 9.85 9.16
N LYS A 39 -10.94 10.07 8.76
CA LYS A 39 -11.22 10.85 7.56
C LYS A 39 -12.53 11.60 7.68
N PRO A 40 -12.58 12.81 7.10
CA PRO A 40 -13.78 13.65 7.14
C PRO A 40 -14.92 13.10 6.30
N SER A 41 -14.57 12.22 5.36
CA SER A 41 -15.55 11.61 4.48
C SER A 41 -15.74 10.12 4.81
N GLY A 42 -16.98 9.74 5.09
CA GLY A 42 -17.27 8.35 5.41
C GLY A 42 -18.29 8.22 6.52
N PRO A 43 -19.02 7.09 6.53
CA PRO A 43 -20.04 6.81 7.54
C PRO A 43 -19.45 6.56 8.92
N SER A 44 -18.24 6.01 8.94
CA SER A 44 -17.56 5.71 10.20
C SER A 44 -17.25 6.99 10.96
N SER A 45 -17.46 6.96 12.28
CA SER A 45 -17.21 8.12 13.13
C SER A 45 -15.88 8.77 12.77
N GLY A 46 -15.67 9.99 13.26
CA GLY A 46 -14.44 10.70 12.99
C GLY A 46 -14.53 12.17 13.35
N GLY A 1 18.13 2.99 2.63
CA GLY A 1 17.82 2.68 1.24
C GLY A 1 16.32 2.70 0.97
N SER A 2 15.80 3.86 0.60
CA SER A 2 14.38 4.00 0.32
C SER A 2 14.15 4.51 -1.10
N SER A 3 13.40 3.75 -1.88
CA SER A 3 13.11 4.12 -3.26
C SER A 3 11.60 4.14 -3.51
N GLY A 4 10.94 3.03 -3.22
CA GLY A 4 9.51 2.95 -3.41
C GLY A 4 9.10 1.73 -4.22
N SER A 5 9.68 1.58 -5.40
CA SER A 5 9.37 0.45 -6.27
C SER A 5 10.47 0.24 -7.31
N SER A 6 10.79 -1.02 -7.57
CA SER A 6 11.82 -1.36 -8.54
C SER A 6 11.63 -2.77 -9.08
N GLY A 7 11.24 -2.86 -10.35
CA GLY A 7 11.02 -4.15 -10.98
C GLY A 7 9.76 -4.19 -11.82
N THR A 8 9.65 -5.17 -12.70
CA THR A 8 8.50 -5.31 -13.57
C THR A 8 7.37 -6.06 -12.87
N GLY A 9 7.09 -5.67 -11.62
CA GLY A 9 6.03 -6.31 -10.86
C GLY A 9 6.53 -7.50 -10.07
N GLU A 10 6.89 -7.25 -8.80
CA GLU A 10 7.39 -8.30 -7.93
C GLU A 10 6.24 -9.04 -7.25
N ARG A 11 5.09 -8.36 -7.14
CA ARG A 11 3.92 -8.95 -6.51
C ARG A 11 2.65 -8.50 -7.21
N PRO A 12 1.67 -9.41 -7.30
CA PRO A 12 0.37 -9.13 -7.94
C PRO A 12 -0.47 -8.15 -7.14
N HIS A 13 0.09 -7.66 -6.04
CA HIS A 13 -0.62 -6.71 -5.18
C HIS A 13 0.31 -5.60 -4.71
N LYS A 14 -0.15 -4.36 -4.85
CA LYS A 14 0.64 -3.20 -4.45
C LYS A 14 -0.25 -2.12 -3.84
N CYS A 15 0.09 -1.71 -2.62
CA CYS A 15 -0.68 -0.68 -1.94
C CYS A 15 -0.78 0.59 -2.78
N ASN A 16 -1.99 1.12 -2.91
CA ASN A 16 -2.21 2.33 -3.69
C ASN A 16 -2.10 3.57 -2.81
N GLU A 17 -1.40 3.43 -1.68
CA GLU A 17 -1.22 4.55 -0.76
C GLU A 17 0.25 4.92 -0.63
N CYS A 18 1.05 3.98 -0.11
CA CYS A 18 2.47 4.20 0.08
C CYS A 18 3.26 3.63 -1.10
N GLY A 19 2.83 2.48 -1.59
CA GLY A 19 3.51 1.85 -2.72
C GLY A 19 4.09 0.50 -2.35
N LYS A 20 3.67 -0.03 -1.20
CA LYS A 20 4.15 -1.33 -0.75
C LYS A 20 3.54 -2.46 -1.57
N SER A 21 4.01 -3.69 -1.34
CA SER A 21 3.52 -4.85 -2.06
C SER A 21 3.48 -6.08 -1.16
N PHE A 22 2.58 -7.00 -1.45
CA PHE A 22 2.44 -8.23 -0.67
C PHE A 22 2.26 -9.43 -1.58
N ILE A 23 2.50 -10.62 -1.04
CA ILE A 23 2.35 -11.85 -1.80
C ILE A 23 0.88 -12.13 -2.12
N GLN A 24 0.08 -12.30 -1.06
CA GLN A 24 -1.35 -12.57 -1.23
C GLN A 24 -2.17 -11.30 -1.01
N SER A 25 -3.38 -11.30 -1.55
CA SER A 25 -4.27 -10.14 -1.42
C SER A 25 -4.62 -9.88 0.05
N ALA A 26 -4.93 -10.95 0.77
CA ALA A 26 -5.28 -10.85 2.19
C ALA A 26 -4.26 -9.99 2.94
N HIS A 27 -2.98 -10.18 2.61
CA HIS A 27 -1.92 -9.43 3.26
C HIS A 27 -2.09 -7.93 3.03
N LEU A 28 -2.28 -7.56 1.76
CA LEU A 28 -2.46 -6.16 1.40
C LEU A 28 -3.74 -5.59 2.02
N ILE A 29 -4.86 -6.24 1.72
CA ILE A 29 -6.15 -5.81 2.25
C ILE A 29 -6.04 -5.41 3.72
N GLN A 30 -5.16 -6.10 4.44
CA GLN A 30 -4.96 -5.82 5.86
C GLN A 30 -4.04 -4.62 6.06
N HIS A 31 -3.09 -4.44 5.13
CA HIS A 31 -2.15 -3.34 5.21
C HIS A 31 -2.84 -2.02 4.86
N GLN A 32 -3.54 -2.00 3.72
CA GLN A 32 -4.24 -0.80 3.27
C GLN A 32 -4.96 -0.13 4.44
N ARG A 33 -5.26 -0.91 5.47
CA ARG A 33 -5.95 -0.40 6.65
C ARG A 33 -5.13 0.70 7.32
N ILE A 34 -3.83 0.47 7.45
CA ILE A 34 -2.95 1.44 8.08
C ILE A 34 -3.08 2.82 7.42
N HIS A 35 -3.71 2.84 6.25
CA HIS A 35 -3.90 4.10 5.52
C HIS A 35 -5.37 4.52 5.54
N THR A 36 -6.10 4.04 6.54
CA THR A 36 -7.51 4.36 6.68
C THR A 36 -7.80 5.01 8.03
N GLY A 37 -8.67 6.02 8.02
CA GLY A 37 -9.02 6.71 9.24
C GLY A 37 -8.49 8.12 9.28
N GLU A 38 -7.21 8.28 8.94
CA GLU A 38 -6.58 9.59 8.95
C GLU A 38 -6.21 10.02 7.52
N LYS A 39 -7.20 10.47 6.76
CA LYS A 39 -6.98 10.91 5.40
C LYS A 39 -6.07 12.13 5.35
N PRO A 40 -5.49 12.39 4.18
CA PRO A 40 -4.59 13.54 3.98
C PRO A 40 -5.33 14.87 4.03
N SER A 41 -6.63 14.81 4.27
CA SER A 41 -7.44 16.01 4.33
C SER A 41 -7.70 16.58 2.94
N GLY A 42 -8.21 15.73 2.06
CA GLY A 42 -8.49 16.17 0.69
C GLY A 42 -7.23 16.35 -0.12
N PRO A 43 -7.31 16.06 -1.43
CA PRO A 43 -6.18 16.19 -2.35
C PRO A 43 -5.80 17.64 -2.60
N SER A 44 -6.49 18.55 -1.94
CA SER A 44 -6.23 19.98 -2.09
C SER A 44 -5.78 20.59 -0.77
N SER A 45 -4.49 20.46 -0.47
CA SER A 45 -3.93 21.00 0.77
C SER A 45 -2.81 21.98 0.47
N GLY A 46 -2.62 22.94 1.36
CA GLY A 46 -1.57 23.93 1.18
C GLY A 46 -1.19 24.63 2.48
N GLY A 1 22.03 4.12 2.85
CA GLY A 1 20.75 3.92 3.53
C GLY A 1 20.43 2.46 3.76
N SER A 2 19.19 2.09 3.53
CA SER A 2 18.74 0.71 3.72
C SER A 2 18.47 0.04 2.38
N SER A 3 19.34 0.28 1.41
CA SER A 3 19.19 -0.30 0.08
C SER A 3 19.63 -1.76 0.08
N GLY A 4 18.75 -2.63 -0.43
CA GLY A 4 19.05 -4.04 -0.48
C GLY A 4 18.04 -4.83 -1.28
N SER A 5 16.75 -4.52 -1.08
CA SER A 5 15.68 -5.20 -1.77
C SER A 5 15.92 -5.20 -3.28
N SER A 6 16.48 -6.29 -3.79
CA SER A 6 16.77 -6.41 -5.22
C SER A 6 15.54 -6.06 -6.05
N GLY A 7 15.78 -5.56 -7.26
CA GLY A 7 14.67 -5.20 -8.14
C GLY A 7 13.70 -6.34 -8.34
N THR A 8 14.22 -7.50 -8.70
CA THR A 8 13.39 -8.68 -8.94
C THR A 8 12.50 -8.97 -7.73
N GLY A 9 11.51 -9.84 -7.93
CA GLY A 9 10.61 -10.19 -6.85
C GLY A 9 9.43 -9.24 -6.75
N GLU A 10 8.59 -9.22 -7.78
CA GLU A 10 7.42 -8.35 -7.80
C GLU A 10 6.18 -9.10 -7.33
N ARG A 11 5.16 -8.34 -6.93
CA ARG A 11 3.91 -8.93 -6.46
C ARG A 11 2.72 -8.33 -7.19
N PRO A 12 1.69 -9.16 -7.46
CA PRO A 12 0.47 -8.73 -8.14
C PRO A 12 -0.38 -7.80 -7.28
N HIS A 13 0.04 -7.59 -6.05
CA HIS A 13 -0.68 -6.72 -5.13
C HIS A 13 0.21 -5.59 -4.63
N LYS A 14 -0.16 -4.36 -4.98
CA LYS A 14 0.60 -3.19 -4.57
C LYS A 14 -0.31 -2.14 -3.95
N CYS A 15 0.14 -1.54 -2.85
CA CYS A 15 -0.63 -0.52 -2.16
C CYS A 15 -0.61 0.80 -2.94
N ASN A 16 -1.79 1.35 -3.19
CA ASN A 16 -1.91 2.60 -3.93
C ASN A 16 -1.92 3.79 -2.97
N GLU A 17 -1.37 3.60 -1.78
CA GLU A 17 -1.30 4.65 -0.77
C GLU A 17 0.14 4.99 -0.42
N CYS A 18 0.95 3.96 -0.20
CA CYS A 18 2.35 4.15 0.14
C CYS A 18 3.26 3.56 -0.93
N GLY A 19 2.91 2.35 -1.40
CA GLY A 19 3.71 1.70 -2.42
C GLY A 19 4.23 0.35 -1.96
N LYS A 20 3.58 -0.22 -0.95
CA LYS A 20 3.99 -1.52 -0.42
C LYS A 20 3.20 -2.65 -1.09
N SER A 21 3.91 -3.68 -1.55
CA SER A 21 3.27 -4.81 -2.20
C SER A 21 3.33 -6.05 -1.32
N PHE A 22 2.45 -7.01 -1.59
CA PHE A 22 2.40 -8.24 -0.82
C PHE A 22 2.13 -9.45 -1.72
N ILE A 23 2.52 -10.63 -1.26
CA ILE A 23 2.31 -11.85 -2.03
C ILE A 23 0.83 -12.17 -2.16
N GLN A 24 0.15 -12.32 -1.03
CA GLN A 24 -1.27 -12.63 -1.03
C GLN A 24 -2.10 -11.37 -0.83
N SER A 25 -3.33 -11.39 -1.34
CA SER A 25 -4.23 -10.24 -1.22
C SER A 25 -4.54 -9.94 0.25
N ALA A 26 -4.90 -10.98 0.99
CA ALA A 26 -5.22 -10.83 2.41
C ALA A 26 -4.18 -9.96 3.12
N HIS A 27 -2.91 -10.19 2.79
CA HIS A 27 -1.82 -9.44 3.40
C HIS A 27 -1.95 -7.95 3.09
N LEU A 28 -2.31 -7.64 1.86
CA LEU A 28 -2.48 -6.25 1.43
C LEU A 28 -3.75 -5.65 2.01
N ILE A 29 -4.88 -6.30 1.72
CA ILE A 29 -6.17 -5.83 2.21
C ILE A 29 -6.08 -5.38 3.67
N GLN A 30 -5.21 -6.03 4.43
CA GLN A 30 -5.02 -5.69 5.83
C GLN A 30 -4.06 -4.53 5.99
N HIS A 31 -3.05 -4.48 5.12
CA HIS A 31 -2.05 -3.41 5.17
C HIS A 31 -2.68 -2.07 4.79
N GLN A 32 -3.48 -2.07 3.73
CA GLN A 32 -4.13 -0.86 3.26
C GLN A 32 -4.86 -0.16 4.39
N ARG A 33 -5.27 -0.94 5.40
CA ARG A 33 -5.97 -0.39 6.55
C ARG A 33 -5.14 0.69 7.24
N ILE A 34 -3.82 0.57 7.13
CA ILE A 34 -2.92 1.54 7.75
C ILE A 34 -3.17 2.94 7.22
N HIS A 35 -3.88 3.02 6.09
CA HIS A 35 -4.20 4.31 5.48
C HIS A 35 -5.71 4.56 5.48
N THR A 36 -6.40 3.95 6.43
CA THR A 36 -7.84 4.10 6.55
C THR A 36 -8.25 4.45 7.98
N GLY A 37 -8.54 5.73 8.20
CA GLY A 37 -8.93 6.17 9.53
C GLY A 37 -8.67 7.64 9.75
N GLU A 38 -8.49 8.04 11.00
CA GLU A 38 -8.23 9.43 11.34
C GLU A 38 -7.35 10.09 10.29
N LYS A 39 -7.46 11.41 10.20
CA LYS A 39 -6.67 12.17 9.23
C LYS A 39 -6.60 11.44 7.89
N PRO A 40 -7.76 11.01 7.38
CA PRO A 40 -7.85 10.30 6.11
C PRO A 40 -7.56 11.19 4.92
N SER A 41 -6.33 11.11 4.41
CA SER A 41 -5.91 11.92 3.27
C SER A 41 -6.73 11.57 2.03
N GLY A 42 -7.28 12.58 1.38
CA GLY A 42 -8.08 12.37 0.19
C GLY A 42 -7.29 12.59 -1.09
N PRO A 43 -7.70 11.93 -2.17
CA PRO A 43 -7.04 12.04 -3.47
C PRO A 43 -7.25 13.41 -4.11
N SER A 44 -6.15 14.10 -4.39
CA SER A 44 -6.22 15.43 -4.99
C SER A 44 -5.64 15.41 -6.40
N SER A 45 -4.48 14.78 -6.55
CA SER A 45 -3.82 14.69 -7.85
C SER A 45 -4.65 13.87 -8.83
N GLY A 46 -4.76 14.35 -10.06
CA GLY A 46 -5.53 13.64 -11.07
C GLY A 46 -4.82 13.59 -12.40
N GLY A 1 20.81 8.81 -14.97
CA GLY A 1 19.74 8.26 -14.17
C GLY A 1 19.40 6.83 -14.55
N SER A 2 18.14 6.60 -14.89
CA SER A 2 17.68 5.27 -15.28
C SER A 2 18.36 4.19 -14.43
N SER A 3 18.47 4.45 -13.13
CA SER A 3 19.09 3.52 -12.21
C SER A 3 18.14 2.37 -11.86
N GLY A 4 18.70 1.25 -11.44
CA GLY A 4 17.89 0.10 -11.08
C GLY A 4 18.72 -1.06 -10.55
N SER A 5 18.55 -1.36 -9.27
CA SER A 5 19.29 -2.45 -8.64
C SER A 5 18.42 -3.69 -8.52
N SER A 6 19.06 -4.86 -8.63
CA SER A 6 18.35 -6.13 -8.53
C SER A 6 18.19 -6.56 -7.07
N GLY A 7 17.46 -7.65 -6.86
CA GLY A 7 17.24 -8.14 -5.52
C GLY A 7 15.77 -8.16 -5.14
N THR A 8 15.25 -7.02 -4.71
CA THR A 8 13.86 -6.91 -4.32
C THR A 8 12.93 -7.45 -5.41
N GLY A 9 12.00 -8.32 -5.01
CA GLY A 9 11.08 -8.90 -5.96
C GLY A 9 9.87 -8.02 -6.21
N GLU A 10 8.81 -8.60 -6.76
CA GLU A 10 7.59 -7.86 -7.05
C GLU A 10 6.36 -8.71 -6.79
N ARG A 11 5.27 -8.07 -6.37
CA ARG A 11 4.03 -8.77 -6.09
C ARG A 11 2.87 -8.15 -6.85
N PRO A 12 1.91 -8.99 -7.28
CA PRO A 12 0.73 -8.55 -8.03
C PRO A 12 -0.23 -7.74 -7.17
N HIS A 13 0.11 -7.58 -5.89
CA HIS A 13 -0.72 -6.82 -4.96
C HIS A 13 0.06 -5.64 -4.38
N LYS A 14 0.03 -4.51 -5.07
CA LYS A 14 0.72 -3.31 -4.62
C LYS A 14 -0.23 -2.38 -3.87
N CYS A 15 0.24 -1.85 -2.75
CA CYS A 15 -0.56 -0.94 -1.94
C CYS A 15 -0.87 0.35 -2.70
N ASN A 16 -2.15 0.71 -2.74
CA ASN A 16 -2.58 1.92 -3.44
C ASN A 16 -2.56 3.13 -2.50
N GLU A 17 -1.78 3.02 -1.43
CA GLU A 17 -1.67 4.10 -0.46
C GLU A 17 -0.23 4.58 -0.32
N CYS A 18 0.70 3.63 -0.27
CA CYS A 18 2.12 3.95 -0.14
C CYS A 18 2.92 3.34 -1.28
N GLY A 19 2.70 2.05 -1.54
CA GLY A 19 3.40 1.39 -2.61
C GLY A 19 3.81 -0.03 -2.24
N LYS A 20 3.84 -0.31 -0.94
CA LYS A 20 4.22 -1.63 -0.45
C LYS A 20 3.34 -2.71 -1.06
N SER A 21 3.97 -3.75 -1.60
CA SER A 21 3.24 -4.84 -2.21
C SER A 21 3.29 -6.10 -1.33
N PHE A 22 2.40 -7.04 -1.59
CA PHE A 22 2.34 -8.27 -0.83
C PHE A 22 2.06 -9.46 -1.73
N ILE A 23 2.63 -10.62 -1.38
CA ILE A 23 2.44 -11.83 -2.16
C ILE A 23 0.96 -12.20 -2.27
N GLN A 24 0.25 -12.09 -1.14
CA GLN A 24 -1.17 -12.41 -1.11
C GLN A 24 -2.01 -11.15 -0.99
N SER A 25 -3.21 -11.19 -1.55
CA SER A 25 -4.11 -10.04 -1.52
C SER A 25 -4.58 -9.77 -0.09
N ALA A 26 -4.76 -10.84 0.68
CA ALA A 26 -5.21 -10.71 2.06
C ALA A 26 -4.21 -9.94 2.90
N HIS A 27 -2.93 -10.11 2.60
CA HIS A 27 -1.86 -9.43 3.33
C HIS A 27 -1.93 -7.92 3.09
N LEU A 28 -2.37 -7.53 1.89
CA LEU A 28 -2.49 -6.12 1.55
C LEU A 28 -3.76 -5.52 2.12
N ILE A 29 -4.89 -6.15 1.83
CA ILE A 29 -6.18 -5.69 2.32
C ILE A 29 -6.10 -5.29 3.80
N GLN A 30 -5.24 -5.99 4.54
CA GLN A 30 -5.06 -5.71 5.96
C GLN A 30 -4.09 -4.55 6.17
N HIS A 31 -3.17 -4.38 5.23
CA HIS A 31 -2.19 -3.31 5.32
C HIS A 31 -2.80 -1.97 4.93
N GLN A 32 -3.49 -1.94 3.79
CA GLN A 32 -4.12 -0.72 3.30
C GLN A 32 -4.88 -0.02 4.43
N ARG A 33 -5.22 -0.78 5.46
CA ARG A 33 -5.95 -0.23 6.60
C ARG A 33 -5.13 0.84 7.31
N ILE A 34 -3.83 0.59 7.44
CA ILE A 34 -2.94 1.54 8.09
C ILE A 34 -3.04 2.92 7.46
N HIS A 35 -3.61 2.98 6.26
CA HIS A 35 -3.77 4.24 5.55
C HIS A 35 -5.22 4.70 5.59
N THR A 36 -5.97 4.20 6.56
CA THR A 36 -7.37 4.57 6.70
C THR A 36 -7.79 4.61 8.16
N GLY A 37 -8.07 5.80 8.67
CA GLY A 37 -8.47 5.96 10.05
C GLY A 37 -9.12 7.31 10.32
N GLU A 38 -8.60 8.02 11.32
CA GLU A 38 -9.12 9.33 11.68
C GLU A 38 -8.73 10.38 10.65
N LYS A 39 -9.72 11.11 10.16
CA LYS A 39 -9.47 12.16 9.17
C LYS A 39 -10.74 12.94 8.89
N PRO A 40 -10.60 14.28 8.75
CA PRO A 40 -11.73 15.17 8.48
C PRO A 40 -12.29 14.99 7.07
N SER A 41 -13.61 15.03 6.95
CA SER A 41 -14.27 14.87 5.67
C SER A 41 -13.52 13.87 4.79
N GLY A 42 -13.10 12.76 5.39
CA GLY A 42 -12.37 11.75 4.65
C GLY A 42 -13.27 10.67 4.08
N PRO A 43 -13.43 9.57 4.82
CA PRO A 43 -14.27 8.45 4.40
C PRO A 43 -15.76 8.79 4.43
N SER A 44 -16.59 7.82 4.10
CA SER A 44 -18.03 8.02 4.10
C SER A 44 -18.72 7.13 5.13
N SER A 45 -20.01 7.37 5.36
CA SER A 45 -20.77 6.60 6.32
C SER A 45 -22.26 6.87 6.18
N GLY A 46 -23.05 5.80 6.13
CA GLY A 46 -24.49 5.95 5.99
C GLY A 46 -25.07 5.00 4.96
N GLY A 1 25.36 6.22 4.06
CA GLY A 1 24.80 6.26 2.72
C GLY A 1 23.79 5.15 2.49
N SER A 2 22.91 4.94 3.46
CA SER A 2 21.90 3.89 3.36
C SER A 2 20.53 4.41 3.77
N SER A 3 19.67 4.65 2.79
CA SER A 3 18.33 5.16 3.04
C SER A 3 17.35 4.01 3.26
N GLY A 4 17.31 3.08 2.30
CA GLY A 4 16.41 1.96 2.40
C GLY A 4 15.75 1.61 1.08
N SER A 5 15.86 0.35 0.67
CA SER A 5 15.28 -0.10 -0.59
C SER A 5 14.64 -1.48 -0.43
N SER A 6 13.55 -1.70 -1.14
CA SER A 6 12.85 -2.97 -1.08
C SER A 6 13.57 -4.03 -1.91
N GLY A 7 13.93 -3.68 -3.14
CA GLY A 7 14.62 -4.61 -4.01
C GLY A 7 13.98 -4.71 -5.37
N THR A 8 13.84 -5.94 -5.88
CA THR A 8 13.23 -6.17 -7.18
C THR A 8 12.14 -7.23 -7.10
N GLY A 9 11.22 -7.20 -8.07
CA GLY A 9 10.14 -8.17 -8.09
C GLY A 9 8.78 -7.51 -8.08
N GLU A 10 7.96 -7.83 -9.07
CA GLU A 10 6.62 -7.26 -9.17
C GLU A 10 5.57 -8.24 -8.64
N ARG A 11 4.87 -7.83 -7.59
CA ARG A 11 3.84 -8.68 -6.99
C ARG A 11 2.47 -8.35 -7.56
N PRO A 12 1.57 -9.34 -7.53
CA PRO A 12 0.20 -9.18 -8.04
C PRO A 12 -0.64 -8.25 -7.18
N HIS A 13 -0.05 -7.77 -6.09
CA HIS A 13 -0.75 -6.87 -5.18
C HIS A 13 0.18 -5.77 -4.69
N LYS A 14 -0.26 -4.51 -4.86
CA LYS A 14 0.53 -3.37 -4.44
C LYS A 14 -0.36 -2.28 -3.85
N CYS A 15 0.16 -1.55 -2.87
CA CYS A 15 -0.59 -0.48 -2.23
C CYS A 15 -0.49 0.81 -3.02
N ASN A 16 -1.45 1.71 -2.83
CA ASN A 16 -1.47 2.98 -3.54
C ASN A 16 -1.07 4.12 -2.60
N GLU A 17 -1.42 3.98 -1.32
CA GLU A 17 -1.11 5.00 -0.33
C GLU A 17 0.40 5.18 -0.19
N CYS A 18 1.09 4.10 0.16
CA CYS A 18 2.54 4.14 0.34
C CYS A 18 3.24 3.52 -0.88
N GLY A 19 2.77 2.35 -1.29
CA GLY A 19 3.36 1.68 -2.43
C GLY A 19 4.00 0.35 -2.06
N LYS A 20 3.53 -0.24 -0.96
CA LYS A 20 4.06 -1.51 -0.49
C LYS A 20 3.41 -2.68 -1.24
N SER A 21 4.23 -3.64 -1.65
CA SER A 21 3.73 -4.80 -2.37
C SER A 21 3.70 -6.04 -1.46
N PHE A 22 2.68 -6.87 -1.66
CA PHE A 22 2.53 -8.08 -0.86
C PHE A 22 2.37 -9.31 -1.76
N ILE A 23 2.48 -10.50 -1.16
CA ILE A 23 2.35 -11.74 -1.90
C ILE A 23 0.89 -12.20 -1.95
N GLN A 24 0.25 -12.19 -0.79
CA GLN A 24 -1.16 -12.61 -0.70
C GLN A 24 -2.08 -11.39 -0.69
N SER A 25 -3.18 -11.49 -1.43
CA SER A 25 -4.15 -10.41 -1.52
C SER A 25 -4.69 -10.06 -0.13
N ALA A 26 -4.57 -11.00 0.80
CA ALA A 26 -5.05 -10.79 2.16
C ALA A 26 -4.10 -9.88 2.93
N HIS A 27 -2.81 -9.99 2.65
CA HIS A 27 -1.81 -9.17 3.33
C HIS A 27 -2.00 -7.70 3.00
N LEU A 28 -2.44 -7.42 1.78
CA LEU A 28 -2.67 -6.05 1.34
C LEU A 28 -3.99 -5.51 1.89
N ILE A 29 -5.06 -6.25 1.65
CA ILE A 29 -6.39 -5.84 2.13
C ILE A 29 -6.33 -5.38 3.59
N GLN A 30 -5.39 -5.95 4.34
CA GLN A 30 -5.23 -5.60 5.75
C GLN A 30 -4.23 -4.46 5.91
N HIS A 31 -3.20 -4.46 5.07
CA HIS A 31 -2.17 -3.43 5.13
C HIS A 31 -2.75 -2.06 4.79
N GLN A 32 -3.56 -2.00 3.74
CA GLN A 32 -4.17 -0.75 3.32
C GLN A 32 -4.91 -0.10 4.48
N ARG A 33 -5.19 -0.88 5.52
CA ARG A 33 -5.90 -0.38 6.69
C ARG A 33 -5.04 0.64 7.44
N ILE A 34 -3.72 0.47 7.36
CA ILE A 34 -2.80 1.37 8.03
C ILE A 34 -2.98 2.80 7.57
N HIS A 35 -3.72 2.97 6.47
CA HIS A 35 -3.98 4.30 5.92
C HIS A 35 -5.45 4.68 6.07
N THR A 36 -6.32 3.77 5.68
CA THR A 36 -7.76 4.00 5.76
C THR A 36 -8.11 4.81 7.01
N GLY A 37 -8.67 6.00 6.80
CA GLY A 37 -9.04 6.86 7.91
C GLY A 37 -9.25 8.30 7.49
N GLU A 38 -8.59 9.23 8.18
CA GLU A 38 -8.70 10.64 7.88
C GLU A 38 -7.35 11.32 7.90
N LYS A 39 -7.06 12.12 6.88
CA LYS A 39 -5.80 12.84 6.79
C LYS A 39 -5.92 14.05 5.87
N PRO A 40 -5.10 15.07 6.13
CA PRO A 40 -5.10 16.31 5.34
C PRO A 40 -4.54 16.10 3.94
N SER A 41 -3.53 15.25 3.83
CA SER A 41 -2.90 14.96 2.54
C SER A 41 -1.86 13.84 2.68
N GLY A 42 -1.92 12.87 1.79
CA GLY A 42 -0.98 11.76 1.83
C GLY A 42 -0.01 11.79 0.67
N PRO A 43 1.11 11.07 0.81
CA PRO A 43 2.14 11.00 -0.24
C PRO A 43 1.67 10.20 -1.45
N SER A 44 0.91 10.84 -2.32
CA SER A 44 0.39 10.20 -3.52
C SER A 44 0.60 11.09 -4.74
N SER A 45 1.83 11.08 -5.26
CA SER A 45 2.17 11.89 -6.43
C SER A 45 3.44 11.37 -7.10
N GLY A 46 3.83 12.02 -8.19
CA GLY A 46 5.03 11.62 -8.90
C GLY A 46 4.80 10.45 -9.83
N GLY A 1 -6.03 -3.49 -19.27
CA GLY A 1 -6.56 -3.72 -20.61
C GLY A 1 -5.51 -3.51 -21.68
N SER A 2 -5.56 -2.35 -22.34
CA SER A 2 -4.61 -2.04 -23.40
C SER A 2 -3.70 -0.88 -22.99
N SER A 3 -4.30 0.23 -22.57
CA SER A 3 -3.55 1.40 -22.15
C SER A 3 -2.59 1.05 -21.01
N GLY A 4 -1.30 1.05 -21.32
CA GLY A 4 -0.31 0.74 -20.31
C GLY A 4 0.50 1.94 -19.89
N SER A 5 0.62 2.16 -18.58
CA SER A 5 1.37 3.29 -18.05
C SER A 5 2.59 2.82 -17.26
N SER A 6 2.36 1.90 -16.32
CA SER A 6 3.43 1.37 -15.50
C SER A 6 4.40 0.53 -16.34
N GLY A 7 5.51 0.14 -15.73
CA GLY A 7 6.50 -0.66 -16.43
C GLY A 7 7.33 -1.51 -15.49
N THR A 8 6.69 -2.05 -14.45
CA THR A 8 7.38 -2.88 -13.47
C THR A 8 6.39 -3.75 -12.70
N GLY A 9 6.72 -5.03 -12.56
CA GLY A 9 5.86 -5.94 -11.84
C GLY A 9 6.63 -6.93 -10.99
N GLU A 10 6.40 -6.89 -9.68
CA GLU A 10 7.09 -7.79 -8.76
C GLU A 10 6.09 -8.57 -7.93
N ARG A 11 4.86 -8.07 -7.84
CA ARG A 11 3.82 -8.72 -7.07
C ARG A 11 2.44 -8.40 -7.64
N PRO A 12 1.53 -9.39 -7.60
CA PRO A 12 0.16 -9.22 -8.10
C PRO A 12 -0.67 -8.28 -7.23
N HIS A 13 -0.08 -7.83 -6.13
CA HIS A 13 -0.77 -6.92 -5.23
C HIS A 13 0.15 -5.78 -4.79
N LYS A 14 -0.38 -4.56 -4.81
CA LYS A 14 0.40 -3.39 -4.41
C LYS A 14 -0.48 -2.38 -3.67
N CYS A 15 0.14 -1.60 -2.79
CA CYS A 15 -0.58 -0.59 -2.03
C CYS A 15 -0.63 0.74 -2.77
N ASN A 16 -1.85 1.21 -3.03
CA ASN A 16 -2.04 2.47 -3.74
C ASN A 16 -1.99 3.65 -2.78
N GLU A 17 -1.37 3.45 -1.63
CA GLU A 17 -1.26 4.50 -0.62
C GLU A 17 0.20 4.89 -0.40
N CYS A 18 1.03 3.91 -0.07
CA CYS A 18 2.44 4.15 0.17
C CYS A 18 3.30 3.47 -0.89
N GLY A 19 2.82 2.34 -1.40
CA GLY A 19 3.55 1.61 -2.42
C GLY A 19 3.99 0.24 -1.94
N LYS A 20 3.49 -0.18 -0.79
CA LYS A 20 3.85 -1.48 -0.23
C LYS A 20 3.22 -2.61 -1.03
N SER A 21 4.03 -3.63 -1.32
CA SER A 21 3.55 -4.78 -2.09
C SER A 21 3.56 -6.04 -1.25
N PHE A 22 2.67 -6.98 -1.57
CA PHE A 22 2.57 -8.23 -0.83
C PHE A 22 2.34 -9.40 -1.78
N ILE A 23 2.65 -10.61 -1.33
CA ILE A 23 2.48 -11.81 -2.13
C ILE A 23 1.01 -12.19 -2.24
N GLN A 24 0.32 -12.18 -1.10
CA GLN A 24 -1.10 -12.53 -1.07
C GLN A 24 -1.97 -11.28 -0.93
N SER A 25 -3.21 -11.37 -1.38
CA SER A 25 -4.14 -10.24 -1.32
C SER A 25 -4.49 -9.92 0.13
N ALA A 26 -4.76 -10.96 0.91
CA ALA A 26 -5.11 -10.79 2.31
C ALA A 26 -4.12 -9.89 3.03
N HIS A 27 -2.84 -10.04 2.70
CA HIS A 27 -1.79 -9.23 3.29
C HIS A 27 -2.00 -7.76 2.98
N LEU A 28 -2.30 -7.46 1.73
CA LEU A 28 -2.52 -6.08 1.30
C LEU A 28 -3.84 -5.54 1.85
N ILE A 29 -4.93 -6.23 1.54
CA ILE A 29 -6.24 -5.84 2.01
C ILE A 29 -6.20 -5.36 3.46
N GLN A 30 -5.30 -5.96 4.23
CA GLN A 30 -5.15 -5.60 5.64
C GLN A 30 -4.24 -4.38 5.80
N HIS A 31 -3.11 -4.40 5.10
CA HIS A 31 -2.15 -3.30 5.16
C HIS A 31 -2.84 -1.97 4.83
N GLN A 32 -3.57 -1.95 3.72
CA GLN A 32 -4.26 -0.74 3.30
C GLN A 32 -4.95 -0.06 4.48
N ARG A 33 -5.22 -0.84 5.52
CA ARG A 33 -5.88 -0.31 6.72
C ARG A 33 -5.03 0.77 7.37
N ILE A 34 -3.72 0.54 7.44
CA ILE A 34 -2.81 1.50 8.04
C ILE A 34 -2.95 2.87 7.41
N HIS A 35 -3.59 2.91 6.23
CA HIS A 35 -3.79 4.17 5.52
C HIS A 35 -5.26 4.58 5.57
N THR A 36 -6.14 3.60 5.39
CA THR A 36 -7.58 3.87 5.41
C THR A 36 -8.09 4.01 6.84
N GLY A 37 -7.41 4.82 7.63
CA GLY A 37 -7.82 5.03 9.01
C GLY A 37 -7.81 3.75 9.81
N GLU A 38 -7.86 3.87 11.13
CA GLU A 38 -7.85 2.71 12.02
C GLU A 38 -8.92 2.85 13.11
N LYS A 39 -9.48 1.72 13.53
CA LYS A 39 -10.51 1.71 14.56
C LYS A 39 -9.89 1.64 15.96
N PRO A 40 -10.40 2.46 16.88
CA PRO A 40 -9.90 2.50 18.26
C PRO A 40 -10.26 1.23 19.05
N SER A 41 -9.33 0.78 19.87
CA SER A 41 -9.53 -0.42 20.67
C SER A 41 -8.60 -0.44 21.88
N GLY A 42 -9.18 -0.49 23.07
CA GLY A 42 -8.39 -0.50 24.28
C GLY A 42 -8.61 0.72 25.14
N PRO A 43 -8.10 0.67 26.39
CA PRO A 43 -8.24 1.78 27.34
C PRO A 43 -7.40 2.99 26.95
N SER A 44 -8.00 3.90 26.17
CA SER A 44 -7.30 5.10 25.72
C SER A 44 -6.53 5.74 26.86
N SER A 45 -5.34 6.24 26.56
CA SER A 45 -4.50 6.88 27.56
C SER A 45 -5.27 7.97 28.31
N GLY A 46 -4.66 8.50 29.36
CA GLY A 46 -5.31 9.54 30.14
C GLY A 46 -5.84 10.67 29.28
N GLY A 1 15.10 16.91 -12.70
CA GLY A 1 14.29 15.96 -13.43
C GLY A 1 13.73 14.87 -12.52
N SER A 2 13.74 13.63 -13.02
CA SER A 2 13.23 12.50 -12.25
C SER A 2 13.67 11.18 -12.87
N SER A 3 13.67 10.12 -12.06
CA SER A 3 14.08 8.81 -12.52
C SER A 3 13.46 7.70 -11.67
N GLY A 4 13.09 6.60 -12.31
CA GLY A 4 12.49 5.49 -11.58
C GLY A 4 11.57 4.66 -12.45
N SER A 5 11.46 3.38 -12.13
CA SER A 5 10.60 2.48 -12.89
C SER A 5 10.27 1.22 -12.07
N SER A 6 9.31 0.45 -12.56
CA SER A 6 8.90 -0.77 -11.88
C SER A 6 9.17 -2.00 -12.75
N GLY A 7 9.76 -3.02 -12.12
CA GLY A 7 10.07 -4.24 -12.85
C GLY A 7 8.89 -4.77 -13.65
N THR A 8 9.15 -5.78 -14.48
CA THR A 8 8.10 -6.37 -15.30
C THR A 8 7.35 -7.45 -14.53
N GLY A 9 7.93 -7.88 -13.41
CA GLY A 9 7.30 -8.92 -12.61
C GLY A 9 6.90 -8.42 -11.24
N GLU A 10 6.00 -7.44 -11.21
CA GLU A 10 5.54 -6.87 -9.94
C GLU A 10 4.50 -7.79 -9.28
N ARG A 11 4.58 -7.89 -7.96
CA ARG A 11 3.65 -8.73 -7.20
C ARG A 11 2.22 -8.54 -7.70
N PRO A 12 1.39 -9.58 -7.52
CA PRO A 12 -0.02 -9.55 -7.93
C PRO A 12 -0.86 -8.60 -7.08
N HIS A 13 -0.20 -7.91 -6.15
CA HIS A 13 -0.89 -6.97 -5.28
C HIS A 13 0.08 -5.89 -4.79
N LYS A 14 -0.25 -4.63 -5.09
CA LYS A 14 0.58 -3.50 -4.67
C LYS A 14 -0.27 -2.42 -4.00
N CYS A 15 0.32 -1.75 -3.02
CA CYS A 15 -0.39 -0.69 -2.30
C CYS A 15 -0.37 0.61 -3.10
N ASN A 16 -1.37 1.45 -2.88
CA ASN A 16 -1.47 2.73 -3.58
C ASN A 16 -1.04 3.88 -2.67
N GLU A 17 -1.37 3.78 -1.39
CA GLU A 17 -1.02 4.81 -0.43
C GLU A 17 0.48 5.04 -0.40
N CYS A 18 1.22 4.03 0.06
CA CYS A 18 2.68 4.13 0.13
C CYS A 18 3.34 3.44 -1.06
N GLY A 19 2.81 2.27 -1.43
CA GLY A 19 3.35 1.54 -2.55
C GLY A 19 3.93 0.20 -2.15
N LYS A 20 3.60 -0.25 -0.93
CA LYS A 20 4.09 -1.52 -0.43
C LYS A 20 3.36 -2.69 -1.08
N SER A 21 4.12 -3.61 -1.67
CA SER A 21 3.54 -4.77 -2.33
C SER A 21 3.63 -6.00 -1.43
N PHE A 22 2.72 -6.94 -1.63
CA PHE A 22 2.70 -8.17 -0.84
C PHE A 22 2.56 -9.40 -1.75
N ILE A 23 2.56 -10.57 -1.13
CA ILE A 23 2.43 -11.82 -1.88
C ILE A 23 0.96 -12.21 -2.07
N GLN A 24 0.20 -12.09 -0.99
CA GLN A 24 -1.22 -12.43 -1.02
C GLN A 24 -2.08 -11.19 -0.82
N SER A 25 -3.20 -11.13 -1.53
CA SER A 25 -4.10 -10.00 -1.45
C SER A 25 -4.51 -9.73 -0.01
N ALA A 26 -4.56 -10.80 0.79
CA ALA A 26 -4.93 -10.68 2.20
C ALA A 26 -3.96 -9.78 2.94
N HIS A 27 -2.68 -9.91 2.63
CA HIS A 27 -1.64 -9.11 3.27
C HIS A 27 -1.85 -7.62 2.99
N LEU A 28 -2.17 -7.31 1.73
CA LEU A 28 -2.39 -5.92 1.32
C LEU A 28 -3.71 -5.40 1.88
N ILE A 29 -4.79 -6.08 1.57
CA ILE A 29 -6.11 -5.69 2.04
C ILE A 29 -6.07 -5.31 3.51
N GLN A 30 -5.19 -5.95 4.27
CA GLN A 30 -5.05 -5.67 5.69
C GLN A 30 -4.22 -4.41 5.93
N HIS A 31 -3.21 -4.23 5.09
CA HIS A 31 -2.33 -3.06 5.20
C HIS A 31 -3.10 -1.78 4.95
N GLN A 32 -3.73 -1.69 3.78
CA GLN A 32 -4.51 -0.50 3.42
C GLN A 32 -5.23 0.07 4.64
N ARG A 33 -5.56 -0.80 5.58
CA ARG A 33 -6.26 -0.39 6.80
C ARG A 33 -5.37 0.52 7.65
N ILE A 34 -4.11 0.11 7.84
CA ILE A 34 -3.17 0.90 8.63
C ILE A 34 -3.02 2.31 8.06
N HIS A 35 -3.45 2.49 6.82
CA HIS A 35 -3.35 3.79 6.16
C HIS A 35 -4.53 4.68 6.55
N THR A 36 -5.71 4.09 6.63
CA THR A 36 -6.92 4.82 6.99
C THR A 36 -7.64 4.17 8.16
N GLY A 37 -7.73 4.89 9.28
CA GLY A 37 -8.39 4.36 10.46
C GLY A 37 -8.59 5.41 11.53
N GLU A 38 -7.61 6.30 11.68
CA GLU A 38 -7.67 7.35 12.68
C GLU A 38 -8.48 8.54 12.17
N LYS A 39 -9.54 8.25 11.42
CA LYS A 39 -10.39 9.30 10.87
C LYS A 39 -9.56 10.50 10.43
N PRO A 40 -8.51 10.24 9.63
CA PRO A 40 -7.62 11.29 9.12
C PRO A 40 -8.31 12.18 8.10
N SER A 41 -9.58 11.92 7.83
CA SER A 41 -10.34 12.70 6.87
C SER A 41 -11.67 13.15 7.47
N GLY A 42 -12.01 14.41 7.25
CA GLY A 42 -13.26 14.95 7.77
C GLY A 42 -14.42 13.98 7.61
N PRO A 43 -15.53 14.27 8.31
CA PRO A 43 -16.73 13.43 8.26
C PRO A 43 -17.44 13.51 6.91
N SER A 44 -18.49 12.72 6.76
CA SER A 44 -19.25 12.71 5.51
C SER A 44 -20.26 13.85 5.48
N SER A 45 -20.51 14.39 4.29
CA SER A 45 -21.45 15.49 4.14
C SER A 45 -22.85 14.97 3.82
N GLY A 46 -23.86 15.58 4.43
CA GLY A 46 -25.23 15.17 4.20
C GLY A 46 -26.23 16.17 4.74
N GLY A 1 19.24 7.72 -20.44
CA GLY A 1 18.35 7.51 -19.31
C GLY A 1 18.76 6.33 -18.46
N SER A 2 18.64 6.48 -17.14
CA SER A 2 19.00 5.41 -16.22
C SER A 2 18.21 4.13 -16.52
N SER A 3 18.80 2.99 -16.21
CA SER A 3 18.16 1.70 -16.45
C SER A 3 17.54 1.16 -15.17
N GLY A 4 16.47 0.37 -15.32
CA GLY A 4 15.81 -0.20 -14.16
C GLY A 4 15.83 -1.71 -14.17
N SER A 5 14.68 -2.33 -13.90
CA SER A 5 14.58 -3.78 -13.87
C SER A 5 13.13 -4.22 -13.91
N SER A 6 12.77 -4.98 -14.94
CA SER A 6 11.40 -5.47 -15.11
C SER A 6 11.20 -6.78 -14.34
N GLY A 7 10.71 -6.65 -13.10
CA GLY A 7 10.47 -7.82 -12.28
C GLY A 7 11.35 -7.85 -11.04
N THR A 8 12.07 -8.96 -10.85
CA THR A 8 12.95 -9.11 -9.70
C THR A 8 12.24 -8.73 -8.41
N GLY A 9 10.94 -9.04 -8.35
CA GLY A 9 10.17 -8.73 -7.16
C GLY A 9 8.79 -8.17 -7.50
N GLU A 10 8.18 -8.73 -8.53
CA GLU A 10 6.86 -8.29 -8.96
C GLU A 10 5.77 -9.04 -8.20
N ARG A 11 4.73 -8.32 -7.80
CA ARG A 11 3.62 -8.91 -7.06
C ARG A 11 2.28 -8.47 -7.64
N PRO A 12 1.31 -9.39 -7.63
CA PRO A 12 -0.04 -9.12 -8.16
C PRO A 12 -0.82 -8.14 -7.29
N HIS A 13 -0.23 -7.77 -6.15
CA HIS A 13 -0.87 -6.85 -5.23
C HIS A 13 0.14 -5.82 -4.70
N LYS A 14 -0.18 -4.55 -4.89
CA LYS A 14 0.69 -3.46 -4.43
C LYS A 14 -0.12 -2.35 -3.79
N CYS A 15 0.30 -1.93 -2.60
CA CYS A 15 -0.39 -0.86 -1.88
C CYS A 15 -0.40 0.42 -2.70
N ASN A 16 -1.59 0.90 -3.02
CA ASN A 16 -1.74 2.12 -3.80
C ASN A 16 -1.87 3.34 -2.89
N GLU A 17 -1.40 3.20 -1.66
CA GLU A 17 -1.47 4.28 -0.68
C GLU A 17 -0.08 4.82 -0.36
N CYS A 18 0.89 3.90 -0.26
CA CYS A 18 2.26 4.27 0.04
C CYS A 18 3.22 3.73 -1.01
N GLY A 19 2.97 2.50 -1.44
CA GLY A 19 3.82 1.87 -2.45
C GLY A 19 4.22 0.46 -2.07
N LYS A 20 3.89 0.06 -0.84
CA LYS A 20 4.22 -1.28 -0.36
C LYS A 20 3.69 -2.35 -1.32
N SER A 21 4.14 -3.59 -1.13
CA SER A 21 3.71 -4.70 -1.97
C SER A 21 3.61 -5.99 -1.16
N PHE A 22 2.70 -6.87 -1.56
CA PHE A 22 2.50 -8.14 -0.87
C PHE A 22 2.25 -9.26 -1.88
N ILE A 23 2.38 -10.49 -1.41
CA ILE A 23 2.16 -11.66 -2.26
C ILE A 23 0.68 -12.03 -2.33
N GLN A 24 0.07 -12.22 -1.16
CA GLN A 24 -1.35 -12.56 -1.10
C GLN A 24 -2.20 -11.32 -0.84
N SER A 25 -3.37 -11.27 -1.49
CA SER A 25 -4.28 -10.15 -1.33
C SER A 25 -4.57 -9.88 0.14
N ALA A 26 -4.93 -10.94 0.86
CA ALA A 26 -5.24 -10.82 2.28
C ALA A 26 -4.20 -9.99 3.01
N HIS A 27 -2.92 -10.23 2.70
CA HIS A 27 -1.83 -9.49 3.33
C HIS A 27 -2.00 -7.99 3.11
N LEU A 28 -2.20 -7.59 1.86
CA LEU A 28 -2.37 -6.19 1.51
C LEU A 28 -3.65 -5.63 2.12
N ILE A 29 -4.77 -6.29 1.83
CA ILE A 29 -6.06 -5.86 2.34
C ILE A 29 -5.96 -5.43 3.80
N GLN A 30 -5.07 -6.07 4.54
CA GLN A 30 -4.86 -5.75 5.94
C GLN A 30 -3.96 -4.53 6.11
N HIS A 31 -2.99 -4.41 5.20
CA HIS A 31 -2.05 -3.28 5.24
C HIS A 31 -2.74 -1.99 4.83
N GLN A 32 -3.47 -2.04 3.72
CA GLN A 32 -4.18 -0.86 3.22
C GLN A 32 -4.97 -0.19 4.33
N ARG A 33 -5.38 -0.97 5.32
CA ARG A 33 -6.14 -0.45 6.44
C ARG A 33 -5.40 0.71 7.11
N ILE A 34 -4.08 0.57 7.23
CA ILE A 34 -3.26 1.59 7.85
C ILE A 34 -3.46 2.94 7.17
N HIS A 35 -3.99 2.91 5.96
CA HIS A 35 -4.23 4.14 5.20
C HIS A 35 -5.73 4.42 5.09
N THR A 36 -6.52 3.36 4.99
CA THR A 36 -7.97 3.49 4.88
C THR A 36 -8.62 3.55 6.26
N GLY A 37 -8.14 4.47 7.10
CA GLY A 37 -8.70 4.60 8.43
C GLY A 37 -9.76 5.67 8.51
N GLU A 38 -9.36 6.94 8.47
CA GLU A 38 -10.30 8.05 8.54
C GLU A 38 -10.75 8.46 7.14
N LYS A 39 -12.04 8.74 7.00
CA LYS A 39 -12.60 9.15 5.73
C LYS A 39 -12.14 10.56 5.35
N PRO A 40 -12.09 10.84 4.04
CA PRO A 40 -11.67 12.14 3.54
C PRO A 40 -12.69 13.23 3.81
N SER A 41 -12.29 14.49 3.66
CA SER A 41 -13.18 15.62 3.90
C SER A 41 -13.84 16.06 2.61
N GLY A 42 -15.08 16.54 2.73
CA GLY A 42 -15.82 16.99 1.55
C GLY A 42 -17.23 17.45 1.89
N PRO A 43 -18.10 17.47 0.88
CA PRO A 43 -19.50 17.89 1.05
C PRO A 43 -20.31 16.87 1.85
N SER A 44 -20.96 17.34 2.91
CA SER A 44 -21.77 16.47 3.76
C SER A 44 -23.18 16.35 3.22
N SER A 45 -23.82 17.50 2.98
CA SER A 45 -25.19 17.52 2.47
C SER A 45 -25.20 17.24 0.98
N GLY A 46 -26.03 16.28 0.57
CA GLY A 46 -26.13 15.92 -0.83
C GLY A 46 -27.03 14.73 -1.07
N GLY A 1 29.12 6.21 -10.98
CA GLY A 1 28.75 5.21 -10.01
C GLY A 1 27.43 5.52 -9.32
N SER A 2 27.46 5.62 -8.00
CA SER A 2 26.26 5.91 -7.22
C SER A 2 25.08 5.09 -7.72
N SER A 3 25.33 3.81 -8.00
CA SER A 3 24.29 2.92 -8.49
C SER A 3 23.36 2.49 -7.35
N GLY A 4 22.07 2.64 -7.57
CA GLY A 4 21.10 2.26 -6.55
C GLY A 4 19.71 2.04 -7.12
N SER A 5 19.53 0.93 -7.83
CA SER A 5 18.25 0.62 -8.43
C SER A 5 17.49 -0.41 -7.60
N SER A 6 16.42 0.03 -6.94
CA SER A 6 15.62 -0.84 -6.11
C SER A 6 14.43 -1.41 -6.90
N GLY A 7 14.57 -2.65 -7.36
CA GLY A 7 13.52 -3.28 -8.13
C GLY A 7 13.93 -4.61 -8.72
N THR A 8 13.20 -5.67 -8.39
CA THR A 8 13.51 -7.00 -8.89
C THR A 8 12.28 -7.63 -9.54
N GLY A 9 11.17 -7.63 -8.82
CA GLY A 9 9.94 -8.21 -9.34
C GLY A 9 8.70 -7.55 -8.77
N GLU A 10 7.63 -7.53 -9.57
CA GLU A 10 6.38 -6.92 -9.14
C GLU A 10 5.41 -7.98 -8.62
N ARG A 11 4.60 -7.60 -7.64
CA ARG A 11 3.62 -8.52 -7.05
C ARG A 11 2.21 -8.19 -7.51
N PRO A 12 1.34 -9.21 -7.52
CA PRO A 12 -0.06 -9.04 -7.93
C PRO A 12 -0.87 -8.22 -6.94
N HIS A 13 -0.21 -7.73 -5.90
CA HIS A 13 -0.87 -6.92 -4.88
C HIS A 13 0.05 -5.79 -4.41
N LYS A 14 -0.32 -4.56 -4.77
CA LYS A 14 0.46 -3.39 -4.38
C LYS A 14 -0.43 -2.34 -3.72
N CYS A 15 0.12 -1.67 -2.70
CA CYS A 15 -0.63 -0.65 -1.98
C CYS A 15 -0.72 0.63 -2.81
N ASN A 16 -1.91 1.22 -2.84
CA ASN A 16 -2.14 2.45 -3.59
C ASN A 16 -2.06 3.67 -2.67
N GLU A 17 -1.41 3.50 -1.53
CA GLU A 17 -1.27 4.59 -0.56
C GLU A 17 0.20 4.93 -0.34
N CYS A 18 1.00 3.91 -0.03
CA CYS A 18 2.42 4.11 0.21
C CYS A 18 3.25 3.50 -0.93
N GLY A 19 2.87 2.31 -1.36
CA GLY A 19 3.59 1.65 -2.45
C GLY A 19 4.14 0.31 -2.03
N LYS A 20 3.65 -0.22 -0.91
CA LYS A 20 4.10 -1.51 -0.40
C LYS A 20 3.42 -2.66 -1.15
N SER A 21 4.22 -3.63 -1.59
CA SER A 21 3.69 -4.77 -2.32
C SER A 21 3.70 -6.02 -1.44
N PHE A 22 2.74 -6.92 -1.69
CA PHE A 22 2.64 -8.16 -0.92
C PHE A 22 2.45 -9.36 -1.84
N ILE A 23 2.60 -10.55 -1.29
CA ILE A 23 2.45 -11.77 -2.07
C ILE A 23 0.99 -12.21 -2.12
N GLN A 24 0.32 -12.17 -0.96
CA GLN A 24 -1.07 -12.57 -0.87
C GLN A 24 -1.97 -11.33 -0.70
N SER A 25 -3.10 -11.33 -1.39
CA SER A 25 -4.05 -10.22 -1.32
C SER A 25 -4.38 -9.90 0.13
N ALA A 26 -4.79 -10.92 0.88
CA ALA A 26 -5.15 -10.73 2.28
C ALA A 26 -4.16 -9.81 2.98
N HIS A 27 -2.88 -10.00 2.71
CA HIS A 27 -1.83 -9.18 3.32
C HIS A 27 -2.05 -7.71 2.99
N LEU A 28 -2.26 -7.42 1.72
CA LEU A 28 -2.47 -6.04 1.27
C LEU A 28 -3.81 -5.51 1.77
N ILE A 29 -4.89 -6.22 1.43
CA ILE A 29 -6.22 -5.82 1.85
C ILE A 29 -6.23 -5.35 3.30
N GLN A 30 -5.39 -5.97 4.12
CA GLN A 30 -5.29 -5.61 5.53
C GLN A 30 -4.34 -4.44 5.74
N HIS A 31 -3.20 -4.48 5.06
CA HIS A 31 -2.21 -3.42 5.16
C HIS A 31 -2.82 -2.07 4.82
N GLN A 32 -3.60 -2.05 3.75
CA GLN A 32 -4.25 -0.81 3.31
C GLN A 32 -4.97 -0.13 4.47
N ARG A 33 -5.24 -0.89 5.52
CA ARG A 33 -5.93 -0.35 6.69
C ARG A 33 -5.06 0.68 7.40
N ILE A 34 -3.75 0.48 7.36
CA ILE A 34 -2.81 1.39 8.00
C ILE A 34 -3.00 2.81 7.49
N HIS A 35 -3.72 2.94 6.37
CA HIS A 35 -3.98 4.25 5.78
C HIS A 35 -5.46 4.61 5.88
N THR A 36 -6.32 3.62 5.68
CA THR A 36 -7.76 3.83 5.74
C THR A 36 -8.13 4.74 6.92
N GLY A 37 -7.35 4.65 7.99
CA GLY A 37 -7.60 5.47 9.17
C GLY A 37 -6.44 6.38 9.51
N GLU A 38 -6.44 7.58 8.91
CA GLU A 38 -5.38 8.54 9.16
C GLU A 38 -5.83 9.61 10.15
N LYS A 39 -4.88 10.35 10.69
CA LYS A 39 -5.17 11.41 11.66
C LYS A 39 -5.83 12.61 10.96
N PRO A 40 -6.92 13.10 11.56
CA PRO A 40 -7.66 14.25 11.02
C PRO A 40 -6.88 15.55 11.13
N SER A 41 -6.07 15.66 12.18
CA SER A 41 -5.27 16.87 12.41
C SER A 41 -4.04 16.86 11.51
N GLY A 42 -3.66 18.05 11.05
CA GLY A 42 -2.50 18.17 10.17
C GLY A 42 -2.69 19.22 9.10
N PRO A 43 -3.53 18.91 8.10
CA PRO A 43 -3.81 19.83 6.99
C PRO A 43 -4.62 21.04 7.43
N SER A 44 -4.79 21.99 6.51
CA SER A 44 -5.54 23.20 6.81
C SER A 44 -4.86 24.01 7.91
N SER A 45 -3.54 24.10 7.83
CA SER A 45 -2.77 24.84 8.83
C SER A 45 -2.74 26.34 8.50
N GLY A 46 -2.37 26.65 7.26
CA GLY A 46 -2.31 28.04 6.84
C GLY A 46 -1.15 28.79 7.47
N GLY A 1 13.61 17.52 -8.63
CA GLY A 1 13.72 17.95 -10.01
C GLY A 1 12.65 17.32 -10.90
N SER A 2 13.08 16.41 -11.76
CA SER A 2 12.16 15.74 -12.67
C SER A 2 12.36 14.23 -12.63
N SER A 3 13.61 13.80 -12.64
CA SER A 3 13.94 12.38 -12.61
C SER A 3 13.59 11.77 -11.26
N GLY A 4 12.52 10.97 -11.24
CA GLY A 4 12.09 10.34 -10.01
C GLY A 4 12.19 8.83 -10.07
N SER A 5 12.67 8.22 -9.00
CA SER A 5 12.82 6.77 -8.93
C SER A 5 11.47 6.10 -8.63
N SER A 6 11.38 4.82 -8.96
CA SER A 6 10.15 4.07 -8.72
C SER A 6 10.34 3.06 -7.58
N GLY A 7 11.23 2.10 -7.80
CA GLY A 7 11.49 1.10 -6.78
C GLY A 7 10.24 0.34 -6.39
N THR A 8 9.48 -0.11 -7.39
CA THR A 8 8.25 -0.85 -7.14
C THR A 8 8.49 -2.36 -7.27
N GLY A 9 7.84 -3.12 -6.41
CA GLY A 9 7.99 -4.56 -6.44
C GLY A 9 6.99 -5.24 -7.35
N GLU A 10 7.45 -6.24 -8.10
CA GLU A 10 6.58 -6.95 -9.02
C GLU A 10 5.76 -8.01 -8.29
N ARG A 11 4.58 -7.62 -7.81
CA ARG A 11 3.70 -8.53 -7.09
C ARG A 11 2.25 -8.36 -7.54
N PRO A 12 1.45 -9.41 -7.34
CA PRO A 12 0.03 -9.39 -7.72
C PRO A 12 -0.79 -8.48 -6.82
N HIS A 13 -0.13 -7.80 -5.89
CA HIS A 13 -0.80 -6.89 -4.97
C HIS A 13 0.14 -5.77 -4.54
N LYS A 14 -0.31 -4.53 -4.69
CA LYS A 14 0.48 -3.37 -4.32
C LYS A 14 -0.38 -2.31 -3.63
N CYS A 15 0.15 -1.71 -2.57
CA CYS A 15 -0.56 -0.69 -1.83
C CYS A 15 -0.69 0.60 -2.65
N ASN A 16 -1.92 1.06 -2.83
CA ASN A 16 -2.17 2.29 -3.59
C ASN A 16 -2.08 3.51 -2.70
N GLU A 17 -1.38 3.37 -1.57
CA GLU A 17 -1.24 4.47 -0.62
C GLU A 17 0.24 4.83 -0.44
N CYS A 18 1.03 3.87 0.02
CA CYS A 18 2.46 4.08 0.23
C CYS A 18 3.27 3.60 -0.97
N GLY A 19 2.89 2.44 -1.50
CA GLY A 19 3.59 1.89 -2.64
C GLY A 19 4.21 0.54 -2.34
N LYS A 20 3.80 -0.07 -1.23
CA LYS A 20 4.32 -1.37 -0.84
C LYS A 20 3.74 -2.48 -1.70
N SER A 21 4.23 -3.69 -1.50
CA SER A 21 3.75 -4.84 -2.26
C SER A 21 3.72 -6.10 -1.39
N PHE A 22 2.72 -6.94 -1.62
CA PHE A 22 2.56 -8.18 -0.85
C PHE A 22 2.43 -9.37 -1.78
N ILE A 23 2.52 -10.57 -1.21
CA ILE A 23 2.40 -11.80 -1.98
C ILE A 23 0.94 -12.19 -2.19
N GLN A 24 0.14 -12.02 -1.15
CA GLN A 24 -1.27 -12.37 -1.21
C GLN A 24 -2.14 -11.12 -1.02
N SER A 25 -3.32 -11.13 -1.62
CA SER A 25 -4.24 -10.00 -1.52
C SER A 25 -4.66 -9.78 -0.08
N ALA A 26 -4.77 -10.87 0.68
CA ALA A 26 -5.17 -10.79 2.08
C ALA A 26 -4.20 -9.92 2.87
N HIS A 27 -2.90 -10.13 2.64
CA HIS A 27 -1.87 -9.37 3.34
C HIS A 27 -1.99 -7.88 3.04
N LEU A 28 -2.36 -7.56 1.81
CA LEU A 28 -2.51 -6.17 1.40
C LEU A 28 -3.77 -5.56 1.98
N ILE A 29 -4.89 -6.27 1.82
CA ILE A 29 -6.17 -5.79 2.35
C ILE A 29 -6.07 -5.44 3.82
N GLN A 30 -5.16 -6.11 4.52
CA GLN A 30 -4.94 -5.86 5.95
C GLN A 30 -3.98 -4.72 6.17
N HIS A 31 -3.19 -4.41 5.14
CA HIS A 31 -2.21 -3.32 5.22
C HIS A 31 -2.86 -1.98 4.89
N GLN A 32 -3.29 -1.83 3.64
CA GLN A 32 -3.93 -0.60 3.19
C GLN A 32 -4.76 0.02 4.31
N ARG A 33 -5.31 -0.82 5.17
CA ARG A 33 -6.12 -0.36 6.28
C ARG A 33 -5.38 0.70 7.11
N ILE A 34 -4.14 0.39 7.48
CA ILE A 34 -3.33 1.31 8.25
C ILE A 34 -3.43 2.73 7.70
N HIS A 35 -3.81 2.84 6.44
CA HIS A 35 -3.94 4.15 5.79
C HIS A 35 -5.36 4.68 5.93
N THR A 36 -6.33 3.90 5.43
CA THR A 36 -7.73 4.30 5.50
C THR A 36 -8.37 3.84 6.80
N GLY A 37 -7.64 4.01 7.90
CA GLY A 37 -8.15 3.60 9.20
C GLY A 37 -9.06 4.66 9.82
N GLU A 38 -8.48 5.52 10.63
CA GLU A 38 -9.24 6.58 11.29
C GLU A 38 -10.05 7.38 10.28
N LYS A 39 -11.13 8.01 10.75
CA LYS A 39 -11.98 8.81 9.88
C LYS A 39 -11.79 10.29 10.15
N PRO A 40 -10.73 10.88 9.57
CA PRO A 40 -10.42 12.30 9.74
C PRO A 40 -11.42 13.20 9.02
N SER A 41 -12.19 13.95 9.79
CA SER A 41 -13.19 14.85 9.23
C SER A 41 -13.27 16.14 10.04
N GLY A 42 -13.34 17.27 9.34
CA GLY A 42 -13.42 18.55 10.00
C GLY A 42 -14.25 19.56 9.22
N PRO A 43 -13.59 20.32 8.35
CA PRO A 43 -14.25 21.34 7.52
C PRO A 43 -15.15 20.73 6.46
N SER A 44 -14.96 19.44 6.20
CA SER A 44 -15.76 18.73 5.20
C SER A 44 -16.76 17.79 5.86
N SER A 45 -18.04 18.07 5.69
CA SER A 45 -19.10 17.26 6.27
C SER A 45 -19.81 16.44 5.20
N GLY A 46 -20.33 17.13 4.19
CA GLY A 46 -21.02 16.46 3.11
C GLY A 46 -22.19 15.63 3.62
N GLY A 1 19.71 10.82 -7.82
CA GLY A 1 19.17 9.59 -8.37
C GLY A 1 17.94 9.83 -9.23
N SER A 2 17.98 10.88 -10.04
CA SER A 2 16.87 11.22 -10.91
C SER A 2 16.97 10.49 -12.24
N SER A 3 17.34 9.22 -12.18
CA SER A 3 17.48 8.40 -13.38
C SER A 3 17.70 6.94 -13.03
N GLY A 4 16.87 6.06 -13.59
CA GLY A 4 16.99 4.65 -13.32
C GLY A 4 15.74 4.06 -12.69
N SER A 5 14.80 3.64 -13.54
CA SER A 5 13.55 3.07 -13.06
C SER A 5 13.19 1.81 -13.84
N SER A 6 13.43 0.65 -13.22
CA SER A 6 13.14 -0.63 -13.85
C SER A 6 13.27 -1.77 -12.84
N GLY A 7 12.49 -2.83 -13.05
CA GLY A 7 12.53 -3.97 -12.14
C GLY A 7 11.50 -5.02 -12.51
N THR A 8 11.94 -6.04 -13.24
CA THR A 8 11.05 -7.12 -13.65
C THR A 8 10.66 -8.00 -12.47
N GLY A 9 9.54 -7.67 -11.83
CA GLY A 9 9.09 -8.45 -10.69
C GLY A 9 8.11 -7.68 -9.82
N GLU A 10 6.89 -7.50 -10.32
CA GLU A 10 5.86 -6.77 -9.58
C GLU A 10 4.83 -7.74 -9.02
N ARG A 11 4.58 -7.64 -7.71
CA ARG A 11 3.61 -8.50 -7.05
C ARG A 11 2.20 -8.21 -7.56
N PRO A 12 1.33 -9.23 -7.50
CA PRO A 12 -0.06 -9.11 -7.94
C PRO A 12 -0.89 -8.22 -7.02
N HIS A 13 -0.24 -7.66 -6.01
CA HIS A 13 -0.93 -6.79 -5.06
C HIS A 13 0.01 -5.68 -4.57
N LYS A 14 -0.30 -4.45 -4.97
CA LYS A 14 0.50 -3.30 -4.58
C LYS A 14 -0.36 -2.21 -3.97
N CYS A 15 0.18 -1.52 -2.97
CA CYS A 15 -0.55 -0.44 -2.29
C CYS A 15 -0.46 0.85 -3.09
N ASN A 16 -1.62 1.42 -3.42
CA ASN A 16 -1.69 2.65 -4.18
C ASN A 16 -1.65 3.86 -3.25
N GLU A 17 -1.12 3.66 -2.04
CA GLU A 17 -1.03 4.73 -1.06
C GLU A 17 0.42 5.00 -0.68
N CYS A 18 1.12 3.96 -0.27
CA CYS A 18 2.52 4.08 0.12
C CYS A 18 3.44 3.50 -0.95
N GLY A 19 3.10 2.31 -1.45
CA GLY A 19 3.90 1.68 -2.47
C GLY A 19 4.46 0.34 -2.02
N LYS A 20 3.82 -0.26 -1.02
CA LYS A 20 4.25 -1.55 -0.50
C LYS A 20 3.55 -2.70 -1.22
N SER A 21 4.33 -3.63 -1.74
CA SER A 21 3.79 -4.78 -2.45
C SER A 21 3.76 -6.01 -1.57
N PHE A 22 2.71 -6.81 -1.71
CA PHE A 22 2.56 -8.03 -0.92
C PHE A 22 2.39 -9.25 -1.81
N ILE A 23 2.43 -10.43 -1.21
CA ILE A 23 2.29 -11.67 -1.95
C ILE A 23 0.82 -12.09 -2.06
N GLN A 24 0.16 -12.20 -0.91
CA GLN A 24 -1.24 -12.59 -0.87
C GLN A 24 -2.14 -11.37 -0.66
N SER A 25 -3.23 -11.30 -1.43
CA SER A 25 -4.15 -10.18 -1.32
C SER A 25 -4.51 -9.90 0.14
N ALA A 26 -4.77 -10.97 0.89
CA ALA A 26 -5.12 -10.84 2.30
C ALA A 26 -4.14 -9.94 3.03
N HIS A 27 -2.86 -10.08 2.70
CA HIS A 27 -1.81 -9.28 3.32
C HIS A 27 -2.04 -7.78 3.06
N LEU A 28 -2.22 -7.44 1.80
CA LEU A 28 -2.45 -6.05 1.42
C LEU A 28 -3.76 -5.53 2.00
N ILE A 29 -4.84 -6.27 1.76
CA ILE A 29 -6.15 -5.88 2.28
C ILE A 29 -6.08 -5.53 3.76
N GLN A 30 -5.17 -6.18 4.47
CA GLN A 30 -5.00 -5.93 5.90
C GLN A 30 -4.06 -4.76 6.15
N HIS A 31 -3.23 -4.46 5.16
CA HIS A 31 -2.28 -3.35 5.26
C HIS A 31 -2.94 -2.03 4.92
N GLN A 32 -3.41 -1.91 3.68
CA GLN A 32 -4.08 -0.69 3.23
C GLN A 32 -4.90 -0.07 4.35
N ARG A 33 -5.39 -0.90 5.25
CA ARG A 33 -6.20 -0.44 6.37
C ARG A 33 -5.44 0.63 7.16
N ILE A 34 -4.20 0.35 7.50
CA ILE A 34 -3.37 1.29 8.26
C ILE A 34 -3.50 2.70 7.71
N HIS A 35 -3.91 2.80 6.45
CA HIS A 35 -4.08 4.10 5.80
C HIS A 35 -5.49 4.65 6.05
N THR A 36 -6.46 4.08 5.35
CA THR A 36 -7.85 4.51 5.48
C THR A 36 -8.22 4.71 6.95
N GLY A 37 -7.74 3.81 7.80
CA GLY A 37 -8.04 3.92 9.22
C GLY A 37 -9.48 4.28 9.49
N GLU A 38 -9.76 4.69 10.72
CA GLU A 38 -11.11 5.08 11.10
C GLU A 38 -11.22 6.59 11.27
N LYS A 39 -11.87 7.23 10.31
CA LYS A 39 -12.05 8.68 10.35
C LYS A 39 -13.48 9.05 10.71
N PRO A 40 -13.68 10.26 11.24
CA PRO A 40 -15.00 10.76 11.63
C PRO A 40 -15.91 11.04 10.43
N SER A 41 -15.30 11.11 9.25
CA SER A 41 -16.04 11.38 8.02
C SER A 41 -17.30 10.52 7.97
N GLY A 42 -18.24 10.92 7.11
CA GLY A 42 -19.48 10.18 6.97
C GLY A 42 -19.63 9.53 5.61
N PRO A 43 -18.74 8.56 5.32
CA PRO A 43 -18.75 7.84 4.05
C PRO A 43 -19.96 6.91 3.91
N SER A 44 -20.03 6.20 2.80
CA SER A 44 -21.14 5.28 2.54
C SER A 44 -20.82 3.89 3.09
N SER A 45 -20.00 3.84 4.14
CA SER A 45 -19.62 2.57 4.74
C SER A 45 -20.69 2.08 5.71
N GLY A 46 -21.16 2.99 6.57
CA GLY A 46 -22.19 2.64 7.53
C GLY A 46 -21.64 2.58 8.95
N GLY A 1 30.52 -4.27 5.22
CA GLY A 1 29.62 -5.10 4.44
C GLY A 1 28.43 -4.32 3.90
N SER A 2 28.14 -4.47 2.62
CA SER A 2 27.04 -3.77 1.99
C SER A 2 26.29 -4.69 1.03
N SER A 3 25.16 -4.21 0.51
CA SER A 3 24.35 -5.00 -0.42
C SER A 3 23.52 -4.07 -1.32
N GLY A 4 22.91 -4.66 -2.34
CA GLY A 4 22.10 -3.90 -3.26
C GLY A 4 22.07 -4.50 -4.65
N SER A 5 22.53 -3.75 -5.65
CA SER A 5 22.54 -4.22 -7.03
C SER A 5 21.32 -5.08 -7.32
N SER A 6 20.17 -4.65 -6.80
CA SER A 6 18.92 -5.39 -6.99
C SER A 6 17.85 -4.47 -7.58
N GLY A 7 16.89 -5.07 -8.29
CA GLY A 7 15.82 -4.30 -8.89
C GLY A 7 14.78 -5.18 -9.55
N THR A 8 14.24 -6.14 -8.80
CA THR A 8 13.23 -7.06 -9.31
C THR A 8 12.37 -7.61 -8.18
N GLY A 9 11.08 -7.77 -8.47
CA GLY A 9 10.16 -8.29 -7.46
C GLY A 9 8.73 -7.83 -7.70
N GLU A 10 8.19 -8.20 -8.84
CA GLU A 10 6.82 -7.82 -9.18
C GLU A 10 5.81 -8.68 -8.43
N ARG A 11 4.80 -8.04 -7.85
CA ARG A 11 3.78 -8.75 -7.10
C ARG A 11 2.38 -8.42 -7.64
N PRO A 12 1.48 -9.41 -7.56
CA PRO A 12 0.10 -9.26 -8.04
C PRO A 12 -0.71 -8.31 -7.17
N HIS A 13 -0.06 -7.73 -6.16
CA HIS A 13 -0.73 -6.81 -5.25
C HIS A 13 0.23 -5.70 -4.81
N LYS A 14 -0.18 -4.46 -5.04
CA LYS A 14 0.64 -3.30 -4.66
C LYS A 14 -0.22 -2.20 -4.07
N CYS A 15 0.29 -1.54 -3.04
CA CYS A 15 -0.43 -0.45 -2.39
C CYS A 15 -0.29 0.85 -3.17
N ASN A 16 -1.21 1.78 -2.94
CA ASN A 16 -1.18 3.07 -3.63
C ASN A 16 -0.79 4.19 -2.68
N GLU A 17 -1.30 4.13 -1.45
CA GLU A 17 -1.00 5.14 -0.45
C GLU A 17 0.51 5.31 -0.28
N CYS A 18 1.20 4.20 0.01
CA CYS A 18 2.64 4.23 0.19
C CYS A 18 3.35 3.53 -0.97
N GLY A 19 2.80 2.39 -1.39
CA GLY A 19 3.40 1.64 -2.48
C GLY A 19 3.92 0.30 -2.05
N LYS A 20 3.48 -0.16 -0.89
CA LYS A 20 3.92 -1.45 -0.34
C LYS A 20 3.19 -2.60 -1.04
N SER A 21 3.95 -3.57 -1.54
CA SER A 21 3.37 -4.71 -2.22
C SER A 21 3.47 -5.97 -1.35
N PHE A 22 2.57 -6.91 -1.58
CA PHE A 22 2.56 -8.16 -0.82
C PHE A 22 2.35 -9.36 -1.75
N ILE A 23 2.44 -10.56 -1.18
CA ILE A 23 2.27 -11.78 -1.94
C ILE A 23 0.79 -12.14 -2.07
N GLN A 24 0.13 -12.28 -0.92
CA GLN A 24 -1.30 -12.62 -0.90
C GLN A 24 -2.15 -11.38 -0.70
N SER A 25 -3.27 -11.32 -1.41
CA SER A 25 -4.19 -10.19 -1.31
C SER A 25 -4.54 -9.90 0.13
N ALA A 26 -4.75 -10.96 0.91
CA ALA A 26 -5.10 -10.83 2.32
C ALA A 26 -4.09 -9.94 3.05
N HIS A 27 -2.82 -10.12 2.73
CA HIS A 27 -1.75 -9.34 3.36
C HIS A 27 -1.93 -7.85 3.07
N LEU A 28 -2.24 -7.53 1.82
CA LEU A 28 -2.43 -6.15 1.41
C LEU A 28 -3.74 -5.58 1.98
N ILE A 29 -4.85 -6.24 1.65
CA ILE A 29 -6.16 -5.81 2.14
C ILE A 29 -6.09 -5.37 3.60
N GLN A 30 -5.23 -6.03 4.37
CA GLN A 30 -5.07 -5.70 5.78
C GLN A 30 -4.15 -4.50 5.96
N HIS A 31 -3.09 -4.45 5.15
CA HIS A 31 -2.13 -3.35 5.22
C HIS A 31 -2.80 -2.02 4.92
N GLN A 32 -3.28 -1.88 3.68
CA GLN A 32 -3.95 -0.65 3.26
C GLN A 32 -4.76 -0.05 4.41
N ARG A 33 -5.25 -0.91 5.30
CA ARG A 33 -6.04 -0.45 6.43
C ARG A 33 -5.28 0.60 7.23
N ILE A 34 -4.02 0.31 7.55
CA ILE A 34 -3.20 1.24 8.32
C ILE A 34 -3.35 2.67 7.79
N HIS A 35 -3.75 2.79 6.52
CA HIS A 35 -3.93 4.10 5.90
C HIS A 35 -5.28 4.69 6.27
N THR A 36 -6.35 4.02 5.84
CA THR A 36 -7.71 4.49 6.12
C THR A 36 -8.14 4.08 7.52
N GLY A 37 -9.25 4.66 7.98
CA GLY A 37 -9.77 4.34 9.30
C GLY A 37 -9.77 5.54 10.22
N GLU A 38 -9.47 5.32 11.49
CA GLU A 38 -9.45 6.40 12.48
C GLU A 38 -8.03 6.94 12.67
N LYS A 39 -7.92 8.22 13.01
CA LYS A 39 -6.63 8.85 13.22
C LYS A 39 -5.63 8.42 12.15
N PRO A 40 -6.06 8.50 10.89
CA PRO A 40 -5.21 8.13 9.75
C PRO A 40 -4.07 9.12 9.52
N SER A 41 -2.87 8.59 9.32
CA SER A 41 -1.70 9.42 9.10
C SER A 41 -1.82 10.21 7.81
N GLY A 42 -1.06 11.30 7.70
CA GLY A 42 -1.11 12.12 6.50
C GLY A 42 -0.26 13.38 6.63
N PRO A 43 -0.31 14.23 5.60
CA PRO A 43 0.45 15.48 5.58
C PRO A 43 -0.09 16.51 6.58
N SER A 44 -1.35 16.34 6.97
CA SER A 44 -1.97 17.25 7.92
C SER A 44 -2.37 16.52 9.20
N SER A 45 -1.47 16.53 10.17
CA SER A 45 -1.72 15.86 11.45
C SER A 45 -2.58 16.73 12.36
N GLY A 46 -3.64 17.31 11.79
CA GLY A 46 -4.52 18.16 12.57
C GLY A 46 -5.26 17.39 13.65
N GLY A 1 25.57 8.12 -8.08
CA GLY A 1 24.71 7.03 -8.50
C GLY A 1 23.23 7.38 -8.42
N SER A 2 22.43 6.75 -9.27
CA SER A 2 21.00 7.01 -9.30
C SER A 2 20.23 5.90 -8.59
N SER A 3 19.23 6.29 -7.79
CA SER A 3 18.43 5.33 -7.05
C SER A 3 17.68 4.41 -8.01
N GLY A 4 17.10 3.35 -7.46
CA GLY A 4 16.36 2.40 -8.27
C GLY A 4 17.12 1.12 -8.52
N SER A 5 17.79 0.62 -7.49
CA SER A 5 18.58 -0.60 -7.60
C SER A 5 17.67 -1.83 -7.63
N SER A 6 16.78 -1.92 -6.65
CA SER A 6 15.85 -3.05 -6.57
C SER A 6 15.14 -3.27 -7.89
N GLY A 7 14.35 -4.34 -7.97
CA GLY A 7 13.62 -4.65 -9.18
C GLY A 7 13.66 -6.12 -9.53
N THR A 8 13.20 -6.95 -8.60
CA THR A 8 13.18 -8.40 -8.82
C THR A 8 11.77 -8.90 -9.13
N GLY A 9 11.07 -8.15 -9.98
CA GLY A 9 9.72 -8.53 -10.34
C GLY A 9 8.66 -7.76 -9.58
N GLU A 10 7.44 -7.75 -10.10
CA GLU A 10 6.34 -7.03 -9.46
C GLU A 10 5.32 -8.01 -8.89
N ARG A 11 4.73 -7.66 -7.76
CA ARG A 11 3.74 -8.50 -7.10
C ARG A 11 2.34 -8.19 -7.63
N PRO A 12 1.44 -9.19 -7.53
CA PRO A 12 0.06 -9.04 -7.99
C PRO A 12 -0.75 -8.10 -7.11
N HIS A 13 -0.09 -7.52 -6.11
CA HIS A 13 -0.75 -6.60 -5.19
C HIS A 13 0.19 -5.48 -4.78
N LYS A 14 -0.28 -4.25 -4.86
CA LYS A 14 0.53 -3.08 -4.49
C LYS A 14 -0.32 -2.04 -3.78
N CYS A 15 0.30 -1.30 -2.87
CA CYS A 15 -0.40 -0.26 -2.12
C CYS A 15 -0.10 1.12 -2.70
N ASN A 16 -0.85 1.50 -3.72
CA ASN A 16 -0.67 2.80 -4.36
C ASN A 16 -0.52 3.91 -3.33
N GLU A 17 -1.18 3.73 -2.18
CA GLU A 17 -1.13 4.71 -1.11
C GLU A 17 0.32 5.06 -0.77
N CYS A 18 1.07 4.07 -0.30
CA CYS A 18 2.47 4.28 0.06
C CYS A 18 3.40 3.62 -0.95
N GLY A 19 3.02 2.43 -1.41
CA GLY A 19 3.83 1.72 -2.39
C GLY A 19 4.25 0.35 -1.89
N LYS A 20 3.60 -0.12 -0.83
CA LYS A 20 3.92 -1.42 -0.26
C LYS A 20 3.29 -2.55 -1.09
N SER A 21 4.05 -3.61 -1.32
CA SER A 21 3.57 -4.74 -2.08
C SER A 21 3.53 -6.01 -1.23
N PHE A 22 2.67 -6.95 -1.62
CA PHE A 22 2.54 -8.20 -0.88
C PHE A 22 2.36 -9.37 -1.84
N ILE A 23 2.36 -10.58 -1.28
CA ILE A 23 2.20 -11.79 -2.09
C ILE A 23 0.73 -12.17 -2.24
N GLN A 24 0.05 -12.30 -1.10
CA GLN A 24 -1.36 -12.66 -1.10
C GLN A 24 -2.24 -11.44 -0.86
N SER A 25 -3.50 -11.52 -1.28
CA SER A 25 -4.43 -10.41 -1.11
C SER A 25 -4.64 -10.09 0.36
N ALA A 26 -4.95 -11.12 1.15
CA ALA A 26 -5.17 -10.95 2.57
C ALA A 26 -4.10 -10.06 3.19
N HIS A 27 -2.84 -10.28 2.81
CA HIS A 27 -1.73 -9.50 3.33
C HIS A 27 -1.94 -8.01 3.04
N LEU A 28 -2.26 -7.70 1.79
CA LEU A 28 -2.47 -6.32 1.38
C LEU A 28 -3.74 -5.74 2.02
N ILE A 29 -4.86 -6.42 1.80
CA ILE A 29 -6.13 -5.98 2.35
C ILE A 29 -5.97 -5.53 3.80
N GLN A 30 -5.05 -6.18 4.52
CA GLN A 30 -4.81 -5.85 5.92
C GLN A 30 -3.92 -4.61 6.03
N HIS A 31 -3.03 -4.44 5.05
CA HIS A 31 -2.12 -3.29 5.04
C HIS A 31 -2.87 -2.01 4.68
N GLN A 32 -3.45 -1.99 3.48
CA GLN A 32 -4.19 -0.83 3.01
C GLN A 32 -4.93 -0.15 4.16
N ARG A 33 -5.32 -0.94 5.15
CA ARG A 33 -6.04 -0.42 6.31
C ARG A 33 -5.26 0.72 6.96
N ILE A 34 -3.97 0.49 7.20
CA ILE A 34 -3.13 1.51 7.82
C ILE A 34 -3.34 2.87 7.19
N HIS A 35 -3.88 2.88 5.97
CA HIS A 35 -4.16 4.11 5.26
C HIS A 35 -5.65 4.42 5.23
N THR A 36 -6.45 3.37 5.00
CA THR A 36 -7.89 3.52 4.95
C THR A 36 -8.50 3.55 6.35
N GLY A 37 -8.09 4.54 7.15
CA GLY A 37 -8.61 4.66 8.49
C GLY A 37 -7.81 3.83 9.49
N GLU A 38 -6.80 4.44 10.09
CA GLU A 38 -5.96 3.74 11.07
C GLU A 38 -5.89 4.53 12.38
N LYS A 39 -7.01 5.15 12.75
CA LYS A 39 -7.07 5.94 13.98
C LYS A 39 -5.83 6.82 14.12
N PRO A 40 -5.48 7.52 13.04
CA PRO A 40 -4.32 8.42 13.02
C PRO A 40 -4.53 9.67 13.88
N SER A 41 -3.57 10.58 13.82
CA SER A 41 -3.65 11.82 14.60
C SER A 41 -3.78 13.03 13.67
N GLY A 42 -4.97 13.22 13.11
CA GLY A 42 -5.20 14.34 12.22
C GLY A 42 -5.43 13.90 10.79
N PRO A 43 -6.66 13.46 10.49
CA PRO A 43 -7.03 13.01 9.14
C PRO A 43 -7.08 14.16 8.14
N SER A 44 -7.15 15.38 8.64
CA SER A 44 -7.21 16.56 7.79
C SER A 44 -5.80 17.00 7.37
N SER A 45 -5.30 16.41 6.28
CA SER A 45 -3.98 16.74 5.78
C SER A 45 -4.04 17.93 4.83
N GLY A 46 -5.01 17.91 3.92
CA GLY A 46 -5.16 19.00 2.97
C GLY A 46 -5.78 18.54 1.66
N GLY A 1 27.96 -2.23 -0.17
CA GLY A 1 27.52 -3.21 -1.14
C GLY A 1 26.11 -2.95 -1.61
N SER A 2 25.68 -3.69 -2.63
CA SER A 2 24.34 -3.55 -3.18
C SER A 2 24.03 -4.65 -4.19
N SER A 3 22.77 -4.75 -4.59
CA SER A 3 22.34 -5.77 -5.54
C SER A 3 20.88 -5.57 -5.93
N GLY A 4 20.64 -5.38 -7.22
CA GLY A 4 19.29 -5.18 -7.71
C GLY A 4 19.22 -5.00 -9.20
N SER A 5 18.12 -5.44 -9.80
CA SER A 5 17.94 -5.32 -11.25
C SER A 5 16.75 -4.44 -11.58
N SER A 6 16.63 -4.05 -12.85
CA SER A 6 15.54 -3.20 -13.30
C SER A 6 14.79 -3.85 -14.47
N GLY A 7 13.54 -4.25 -14.22
CA GLY A 7 12.75 -4.86 -15.26
C GLY A 7 11.36 -5.24 -14.79
N THR A 8 10.46 -5.48 -15.72
CA THR A 8 9.08 -5.84 -15.40
C THR A 8 9.04 -6.96 -14.36
N GLY A 9 8.36 -6.71 -13.25
CA GLY A 9 8.26 -7.70 -12.20
C GLY A 9 7.78 -7.11 -10.88
N GLU A 10 6.48 -7.23 -10.62
CA GLU A 10 5.90 -6.70 -9.40
C GLU A 10 4.84 -7.65 -8.85
N ARG A 11 4.70 -7.68 -7.52
CA ARG A 11 3.72 -8.53 -6.87
C ARG A 11 2.32 -8.30 -7.44
N PRO A 12 1.48 -9.34 -7.36
CA PRO A 12 0.10 -9.26 -7.86
C PRO A 12 -0.79 -8.35 -7.02
N HIS A 13 -0.19 -7.73 -6.00
CA HIS A 13 -0.91 -6.82 -5.12
C HIS A 13 0.01 -5.73 -4.58
N LYS A 14 -0.21 -4.50 -5.05
CA LYS A 14 0.60 -3.37 -4.62
C LYS A 14 -0.28 -2.27 -4.04
N CYS A 15 0.25 -1.57 -3.04
CA CYS A 15 -0.49 -0.49 -2.38
C CYS A 15 -0.35 0.82 -3.17
N ASN A 16 -1.28 1.73 -2.95
CA ASN A 16 -1.25 3.02 -3.64
C ASN A 16 -0.88 4.14 -2.67
N GLU A 17 -1.29 4.00 -1.41
CA GLU A 17 -1.00 5.00 -0.39
C GLU A 17 0.51 5.19 -0.24
N CYS A 18 1.18 4.16 0.28
CA CYS A 18 2.62 4.22 0.48
C CYS A 18 3.35 3.63 -0.72
N GLY A 19 2.85 2.52 -1.24
CA GLY A 19 3.48 1.88 -2.38
C GLY A 19 4.06 0.53 -2.04
N LYS A 20 3.62 -0.04 -0.93
CA LYS A 20 4.11 -1.35 -0.50
C LYS A 20 3.29 -2.47 -1.13
N SER A 21 3.96 -3.55 -1.51
CA SER A 21 3.30 -4.69 -2.14
C SER A 21 3.40 -5.93 -1.25
N PHE A 22 2.54 -6.91 -1.52
CA PHE A 22 2.53 -8.15 -0.74
C PHE A 22 2.34 -9.35 -1.65
N ILE A 23 2.52 -10.54 -1.08
CA ILE A 23 2.38 -11.78 -1.84
C ILE A 23 0.91 -12.09 -2.10
N GLN A 24 0.14 -12.27 -1.03
CA GLN A 24 -1.28 -12.57 -1.14
C GLN A 24 -2.12 -11.32 -0.88
N SER A 25 -3.32 -11.30 -1.46
CA SER A 25 -4.23 -10.17 -1.28
C SER A 25 -4.50 -9.92 0.19
N ALA A 26 -4.86 -10.98 0.92
CA ALA A 26 -5.15 -10.87 2.34
C ALA A 26 -4.12 -9.99 3.05
N HIS A 27 -2.86 -10.17 2.69
CA HIS A 27 -1.78 -9.39 3.28
C HIS A 27 -1.96 -7.90 3.01
N LEU A 28 -2.33 -7.57 1.78
CA LEU A 28 -2.54 -6.18 1.39
C LEU A 28 -3.83 -5.63 1.98
N ILE A 29 -4.94 -6.32 1.70
CA ILE A 29 -6.24 -5.90 2.21
C ILE A 29 -6.13 -5.44 3.67
N GLN A 30 -5.24 -6.07 4.42
CA GLN A 30 -5.04 -5.73 5.82
C GLN A 30 -4.06 -4.57 5.96
N HIS A 31 -3.11 -4.49 5.03
CA HIS A 31 -2.11 -3.44 5.06
C HIS A 31 -2.73 -2.09 4.69
N GLN A 32 -3.45 -2.06 3.58
CA GLN A 32 -4.09 -0.84 3.12
C GLN A 32 -4.87 -0.17 4.26
N ARG A 33 -5.18 -0.94 5.28
CA ARG A 33 -5.92 -0.43 6.43
C ARG A 33 -5.11 0.62 7.17
N ILE A 34 -3.79 0.43 7.22
CA ILE A 34 -2.91 1.37 7.89
C ILE A 34 -3.13 2.80 7.41
N HIS A 35 -3.82 2.93 6.27
CA HIS A 35 -4.11 4.24 5.70
C HIS A 35 -5.60 4.54 5.79
N THR A 36 -6.43 3.52 5.65
CA THR A 36 -7.88 3.68 5.70
C THR A 36 -8.30 4.36 7.00
N GLY A 37 -9.45 5.03 6.96
CA GLY A 37 -9.95 5.70 8.15
C GLY A 37 -9.42 7.12 8.26
N GLU A 38 -8.27 7.27 8.91
CA GLU A 38 -7.67 8.59 9.09
C GLU A 38 -7.38 9.25 7.74
N LYS A 39 -7.73 10.52 7.62
CA LYS A 39 -7.52 11.27 6.39
C LYS A 39 -6.51 12.40 6.60
N PRO A 40 -5.51 12.47 5.72
CA PRO A 40 -4.47 13.49 5.79
C PRO A 40 -5.00 14.89 5.46
N SER A 41 -4.32 15.92 5.97
CA SER A 41 -4.74 17.29 5.73
C SER A 41 -3.97 17.88 4.55
N GLY A 42 -4.52 18.94 3.97
CA GLY A 42 -3.88 19.59 2.84
C GLY A 42 -4.77 20.61 2.17
N PRO A 43 -5.47 20.19 1.10
CA PRO A 43 -6.38 21.05 0.34
C PRO A 43 -7.62 21.42 1.14
N SER A 44 -8.53 22.16 0.51
CA SER A 44 -9.77 22.58 1.16
C SER A 44 -10.86 21.55 0.95
N SER A 45 -11.19 21.29 -0.31
CA SER A 45 -12.23 20.32 -0.65
C SER A 45 -12.18 19.96 -2.13
N GLY A 46 -12.98 18.98 -2.52
CA GLY A 46 -13.02 18.56 -3.91
C GLY A 46 -13.99 19.38 -4.74
N GLY A 1 18.27 12.89 1.51
CA GLY A 1 18.82 11.64 2.00
C GLY A 1 18.88 10.57 0.92
N SER A 2 18.77 9.32 1.34
CA SER A 2 18.82 8.20 0.40
C SER A 2 17.82 7.11 0.80
N SER A 3 17.55 6.19 -0.12
CA SER A 3 16.61 5.11 0.13
C SER A 3 17.17 3.78 -0.38
N GLY A 4 16.55 2.69 0.04
CA GLY A 4 16.99 1.37 -0.37
C GLY A 4 15.95 0.63 -1.18
N SER A 5 16.32 0.19 -2.37
CA SER A 5 15.40 -0.53 -3.25
C SER A 5 16.02 -1.83 -3.74
N SER A 6 15.26 -2.92 -3.65
CA SER A 6 15.74 -4.23 -4.08
C SER A 6 14.86 -4.78 -5.19
N GLY A 7 15.50 -5.32 -6.23
CA GLY A 7 14.77 -5.88 -7.34
C GLY A 7 14.12 -7.20 -7.01
N THR A 8 12.82 -7.18 -6.75
CA THR A 8 12.08 -8.39 -6.42
C THR A 8 10.87 -8.57 -7.32
N GLY A 9 10.76 -7.72 -8.34
CA GLY A 9 9.64 -7.79 -9.25
C GLY A 9 8.43 -7.03 -8.77
N GLU A 10 7.29 -7.23 -9.43
CA GLU A 10 6.06 -6.55 -9.07
C GLU A 10 4.98 -7.55 -8.70
N ARG A 11 4.84 -7.82 -7.40
CA ARG A 11 3.84 -8.75 -6.91
C ARG A 11 2.45 -8.40 -7.44
N PRO A 12 1.55 -9.39 -7.45
CA PRO A 12 0.18 -9.20 -7.92
C PRO A 12 -0.65 -8.33 -6.99
N HIS A 13 -0.01 -7.83 -5.92
CA HIS A 13 -0.68 -6.99 -4.96
C HIS A 13 0.21 -5.83 -4.53
N LYS A 14 -0.23 -4.61 -4.81
CA LYS A 14 0.54 -3.42 -4.45
C LYS A 14 -0.37 -2.34 -3.87
N CYS A 15 0.12 -1.64 -2.86
CA CYS A 15 -0.65 -0.58 -2.21
C CYS A 15 -0.61 0.70 -3.04
N ASN A 16 -1.64 1.52 -2.90
CA ASN A 16 -1.73 2.78 -3.64
C ASN A 16 -1.31 3.95 -2.75
N GLU A 17 -1.55 3.83 -1.45
CA GLU A 17 -1.19 4.87 -0.50
C GLU A 17 0.32 5.08 -0.45
N CYS A 18 1.03 4.05 -0.01
CA CYS A 18 2.49 4.10 0.09
C CYS A 18 3.14 3.44 -1.12
N GLY A 19 2.68 2.24 -1.45
CA GLY A 19 3.23 1.53 -2.59
C GLY A 19 3.84 0.20 -2.19
N LYS A 20 3.50 -0.28 -1.00
CA LYS A 20 4.03 -1.55 -0.50
C LYS A 20 3.38 -2.72 -1.21
N SER A 21 4.20 -3.67 -1.64
CA SER A 21 3.71 -4.85 -2.35
C SER A 21 3.68 -6.07 -1.43
N PHE A 22 2.74 -6.98 -1.69
CA PHE A 22 2.60 -8.18 -0.89
C PHE A 22 2.42 -9.41 -1.77
N ILE A 23 2.67 -10.59 -1.21
CA ILE A 23 2.53 -11.83 -1.95
C ILE A 23 1.06 -12.24 -2.08
N GLN A 24 0.31 -12.09 -1.00
CA GLN A 24 -1.11 -12.44 -1.00
C GLN A 24 -1.97 -11.19 -0.85
N SER A 25 -3.11 -11.18 -1.54
CA SER A 25 -4.02 -10.05 -1.48
C SER A 25 -4.43 -9.74 -0.05
N ALA A 26 -4.86 -10.78 0.67
CA ALA A 26 -5.27 -10.63 2.06
C ALA A 26 -4.30 -9.74 2.83
N HIS A 27 -3.01 -10.02 2.67
CA HIS A 27 -1.98 -9.24 3.36
C HIS A 27 -2.10 -7.76 3.01
N LEU A 28 -2.32 -7.47 1.74
CA LEU A 28 -2.45 -6.09 1.28
C LEU A 28 -3.74 -5.46 1.80
N ILE A 29 -4.85 -6.16 1.62
CA ILE A 29 -6.15 -5.68 2.08
C ILE A 29 -6.12 -5.36 3.57
N GLN A 30 -5.25 -6.07 4.30
CA GLN A 30 -5.14 -5.87 5.74
C GLN A 30 -4.13 -4.77 6.06
N HIS A 31 -3.33 -4.40 5.05
CA HIS A 31 -2.33 -3.35 5.23
C HIS A 31 -2.93 -1.97 4.95
N GLN A 32 -3.54 -1.81 3.78
CA GLN A 32 -4.14 -0.55 3.40
C GLN A 32 -4.88 0.09 4.57
N ARG A 33 -5.27 -0.75 5.53
CA ARG A 33 -5.99 -0.27 6.72
C ARG A 33 -5.14 0.73 7.48
N ILE A 34 -3.86 0.40 7.67
CA ILE A 34 -2.94 1.26 8.40
C ILE A 34 -3.04 2.71 7.89
N HIS A 35 -3.59 2.87 6.69
CA HIS A 35 -3.73 4.20 6.09
C HIS A 35 -5.08 4.81 6.45
N THR A 36 -6.14 4.23 5.93
CA THR A 36 -7.49 4.72 6.19
C THR A 36 -7.85 4.60 7.67
N GLY A 37 -8.23 5.71 8.28
CA GLY A 37 -8.59 5.72 9.69
C GLY A 37 -9.78 6.60 9.99
N GLU A 38 -10.37 6.41 11.16
CA GLU A 38 -11.52 7.21 11.57
C GLU A 38 -11.39 8.65 11.08
N LYS A 39 -12.33 9.08 10.24
CA LYS A 39 -12.32 10.43 9.71
C LYS A 39 -12.30 11.46 10.83
N PRO A 40 -11.54 12.55 10.63
CA PRO A 40 -11.42 13.62 11.62
C PRO A 40 -12.71 14.43 11.75
N SER A 41 -13.24 14.89 10.62
CA SER A 41 -14.46 15.67 10.61
C SER A 41 -15.67 14.80 10.25
N GLY A 42 -16.30 14.23 11.27
CA GLY A 42 -17.46 13.39 11.05
C GLY A 42 -17.88 12.63 12.29
N PRO A 43 -18.70 13.29 13.14
CA PRO A 43 -19.19 12.69 14.38
C PRO A 43 -20.19 11.56 14.13
N SER A 44 -19.69 10.33 14.18
CA SER A 44 -20.54 9.16 13.96
C SER A 44 -21.80 9.22 14.82
N SER A 45 -22.97 9.20 14.16
CA SER A 45 -24.24 9.25 14.86
C SER A 45 -24.22 10.35 15.93
N GLY A 46 -23.70 11.51 15.56
CA GLY A 46 -23.62 12.62 16.49
C GLY A 46 -22.30 12.69 17.23
N GLY A 1 33.62 -8.01 -14.31
CA GLY A 1 32.33 -8.44 -14.84
C GLY A 1 31.54 -9.25 -13.83
N SER A 2 30.22 -9.28 -14.01
CA SER A 2 29.34 -10.02 -13.11
C SER A 2 27.93 -10.13 -13.69
N SER A 3 27.48 -11.37 -13.91
CA SER A 3 26.16 -11.61 -14.46
C SER A 3 25.07 -11.14 -13.51
N GLY A 4 23.92 -10.77 -14.06
CA GLY A 4 22.82 -10.31 -13.24
C GLY A 4 21.47 -10.79 -13.75
N SER A 5 21.36 -12.10 -13.95
CA SER A 5 20.12 -12.70 -14.44
C SER A 5 19.41 -13.46 -13.34
N SER A 6 18.43 -12.81 -12.71
CA SER A 6 17.68 -13.44 -11.63
C SER A 6 16.28 -12.81 -11.50
N GLY A 7 15.28 -13.65 -11.27
CA GLY A 7 13.93 -13.16 -11.13
C GLY A 7 13.82 -11.98 -10.19
N THR A 8 13.60 -10.80 -10.74
CA THR A 8 13.49 -9.58 -9.94
C THR A 8 12.72 -9.86 -8.65
N GLY A 9 11.46 -10.26 -8.78
CA GLY A 9 10.65 -10.55 -7.62
C GLY A 9 9.57 -9.51 -7.39
N GLU A 10 8.40 -9.73 -7.99
CA GLU A 10 7.29 -8.80 -7.85
C GLU A 10 6.02 -9.52 -7.39
N ARG A 11 5.09 -8.76 -6.81
CA ARG A 11 3.84 -9.33 -6.32
C ARG A 11 2.65 -8.77 -7.10
N PRO A 12 1.62 -9.61 -7.28
CA PRO A 12 0.40 -9.23 -8.00
C PRO A 12 -0.42 -8.20 -7.23
N HIS A 13 0.01 -7.90 -6.02
CA HIS A 13 -0.70 -6.94 -5.17
C HIS A 13 0.22 -5.79 -4.77
N LYS A 14 -0.27 -4.56 -4.93
CA LYS A 14 0.51 -3.39 -4.57
C LYS A 14 -0.38 -2.32 -3.95
N CYS A 15 0.17 -1.57 -2.99
CA CYS A 15 -0.57 -0.52 -2.31
C CYS A 15 -0.51 0.79 -3.10
N ASN A 16 -1.43 1.69 -2.80
CA ASN A 16 -1.48 2.98 -3.49
C ASN A 16 -1.03 4.11 -2.57
N GLU A 17 -1.42 4.02 -1.30
CA GLU A 17 -1.04 5.03 -0.31
C GLU A 17 0.47 5.16 -0.21
N CYS A 18 1.13 4.04 0.07
CA CYS A 18 2.58 4.03 0.20
C CYS A 18 3.24 3.41 -1.03
N GLY A 19 2.69 2.29 -1.48
CA GLY A 19 3.23 1.61 -2.64
C GLY A 19 3.88 0.28 -2.30
N LYS A 20 3.52 -0.27 -1.15
CA LYS A 20 4.07 -1.55 -0.71
C LYS A 20 3.35 -2.72 -1.38
N SER A 21 4.12 -3.72 -1.77
CA SER A 21 3.55 -4.90 -2.42
C SER A 21 3.56 -6.10 -1.48
N PHE A 22 2.51 -6.93 -1.57
CA PHE A 22 2.40 -8.10 -0.73
C PHE A 22 2.20 -9.36 -1.57
N ILE A 23 2.76 -10.48 -1.11
CA ILE A 23 2.64 -11.75 -1.82
C ILE A 23 1.19 -12.11 -2.06
N GLN A 24 0.39 -12.07 -0.99
CA GLN A 24 -1.02 -12.40 -1.08
C GLN A 24 -1.89 -11.16 -0.85
N SER A 25 -3.02 -11.10 -1.54
CA SER A 25 -3.93 -9.96 -1.43
C SER A 25 -4.34 -9.75 0.03
N ALA A 26 -4.85 -10.81 0.65
CA ALA A 26 -5.29 -10.75 2.04
C ALA A 26 -4.33 -9.89 2.87
N HIS A 27 -3.04 -10.05 2.63
CA HIS A 27 -2.03 -9.29 3.36
C HIS A 27 -2.17 -7.79 3.09
N LEU A 28 -2.43 -7.45 1.84
CA LEU A 28 -2.60 -6.05 1.44
C LEU A 28 -3.90 -5.48 2.02
N ILE A 29 -5.01 -6.13 1.70
CA ILE A 29 -6.31 -5.69 2.19
C ILE A 29 -6.26 -5.32 3.67
N GLN A 30 -5.41 -6.02 4.41
CA GLN A 30 -5.26 -5.76 5.84
C GLN A 30 -4.27 -4.63 6.09
N HIS A 31 -3.31 -4.49 5.19
CA HIS A 31 -2.29 -3.44 5.31
C HIS A 31 -2.89 -2.07 5.00
N GLN A 32 -3.45 -1.93 3.80
CA GLN A 32 -4.06 -0.67 3.38
C GLN A 32 -4.78 0.00 4.55
N ARG A 33 -5.23 -0.82 5.50
CA ARG A 33 -5.95 -0.30 6.66
C ARG A 33 -5.09 0.71 7.42
N ILE A 34 -3.84 0.34 7.68
CA ILE A 34 -2.92 1.22 8.39
C ILE A 34 -3.01 2.65 7.88
N HIS A 35 -3.50 2.81 6.66
CA HIS A 35 -3.65 4.12 6.05
C HIS A 35 -5.00 4.75 6.40
N THR A 36 -6.07 4.05 6.05
CA THR A 36 -7.42 4.53 6.33
C THR A 36 -7.86 4.14 7.73
N GLY A 37 -7.51 4.97 8.71
CA GLY A 37 -7.87 4.69 10.09
C GLY A 37 -7.63 5.88 11.00
N GLU A 38 -6.42 5.98 11.54
CA GLU A 38 -6.06 7.07 12.43
C GLU A 38 -5.67 8.31 11.64
N LYS A 39 -6.50 9.34 11.70
CA LYS A 39 -6.23 10.58 11.00
C LYS A 39 -6.51 11.79 11.89
N PRO A 40 -5.70 12.84 11.74
CA PRO A 40 -5.83 14.08 12.53
C PRO A 40 -7.08 14.86 12.14
N SER A 41 -7.60 14.60 10.94
CA SER A 41 -8.79 15.29 10.46
C SER A 41 -8.74 16.76 10.80
N GLY A 42 -7.56 17.37 10.66
CA GLY A 42 -7.40 18.78 10.96
C GLY A 42 -7.64 19.09 12.43
N PRO A 43 -7.42 20.35 12.82
CA PRO A 43 -7.60 20.79 14.20
C PRO A 43 -9.06 20.81 14.61
N SER A 44 -9.32 21.24 15.85
CA SER A 44 -10.68 21.30 16.38
C SER A 44 -10.99 22.69 16.92
N SER A 45 -10.55 23.72 16.21
CA SER A 45 -10.78 25.10 16.63
C SER A 45 -11.72 25.81 15.68
N GLY A 46 -13.02 25.58 15.86
CA GLY A 46 -14.01 26.22 15.01
C GLY A 46 -15.40 26.18 15.61
N GLY A 1 24.59 13.54 -13.84
CA GLY A 1 23.43 13.07 -13.11
C GLY A 1 22.78 11.87 -13.76
N SER A 2 22.39 10.89 -12.94
CA SER A 2 21.77 9.67 -13.44
C SER A 2 20.98 8.97 -12.33
N SER A 3 19.66 8.95 -12.49
CA SER A 3 18.79 8.31 -11.50
C SER A 3 17.35 8.31 -11.98
N GLY A 4 16.69 7.16 -11.85
CA GLY A 4 15.31 7.05 -12.27
C GLY A 4 14.77 5.65 -12.11
N SER A 5 14.41 5.28 -10.88
CA SER A 5 13.89 3.95 -10.60
C SER A 5 13.42 3.84 -9.15
N SER A 6 12.11 3.71 -8.97
CA SER A 6 11.54 3.59 -7.63
C SER A 6 11.73 2.20 -7.07
N GLY A 7 11.39 1.19 -7.87
CA GLY A 7 11.53 -0.19 -7.42
C GLY A 7 10.35 -1.04 -7.83
N THR A 8 10.63 -2.13 -8.55
CA THR A 8 9.58 -3.04 -9.00
C THR A 8 9.11 -3.94 -7.86
N GLY A 9 7.82 -3.89 -7.57
CA GLY A 9 7.26 -4.70 -6.50
C GLY A 9 7.32 -6.19 -6.82
N GLU A 10 6.89 -6.54 -8.03
CA GLU A 10 6.89 -7.94 -8.45
C GLU A 10 5.82 -8.73 -7.72
N ARG A 11 4.68 -8.11 -7.50
CA ARG A 11 3.56 -8.75 -6.81
C ARG A 11 2.22 -8.30 -7.38
N PRO A 12 1.26 -9.23 -7.43
CA PRO A 12 -0.08 -8.95 -7.95
C PRO A 12 -0.88 -8.04 -7.04
N HIS A 13 -0.27 -7.64 -5.93
CA HIS A 13 -0.93 -6.77 -4.96
C HIS A 13 0.02 -5.66 -4.50
N LYS A 14 -0.25 -4.44 -4.92
CA LYS A 14 0.57 -3.30 -4.55
C LYS A 14 -0.27 -2.20 -3.90
N CYS A 15 0.27 -1.60 -2.84
CA CYS A 15 -0.44 -0.54 -2.12
C CYS A 15 -0.36 0.77 -2.89
N ASN A 16 -1.51 1.35 -3.18
CA ASN A 16 -1.57 2.61 -3.92
C ASN A 16 -1.58 3.80 -2.95
N GLU A 17 -1.26 3.53 -1.69
CA GLU A 17 -1.23 4.57 -0.67
C GLU A 17 0.20 4.96 -0.32
N CYS A 18 1.07 3.95 -0.24
CA CYS A 18 2.48 4.17 0.09
C CYS A 18 3.38 3.52 -0.95
N GLY A 19 3.01 2.33 -1.41
CA GLY A 19 3.80 1.63 -2.40
C GLY A 19 4.25 0.27 -1.93
N LYS A 20 3.66 -0.21 -0.83
CA LYS A 20 4.01 -1.51 -0.28
C LYS A 20 3.18 -2.61 -0.92
N SER A 21 3.88 -3.63 -1.43
CA SER A 21 3.20 -4.75 -2.08
C SER A 21 3.31 -6.01 -1.23
N PHE A 22 2.46 -6.99 -1.52
CA PHE A 22 2.45 -8.25 -0.78
C PHE A 22 2.21 -9.43 -1.71
N ILE A 23 2.72 -10.60 -1.33
CA ILE A 23 2.55 -11.80 -2.12
C ILE A 23 1.07 -12.14 -2.31
N GLN A 24 0.34 -12.22 -1.21
CA GLN A 24 -1.09 -12.53 -1.26
C GLN A 24 -1.93 -11.28 -0.99
N SER A 25 -3.16 -11.28 -1.50
CA SER A 25 -4.06 -10.15 -1.32
C SER A 25 -4.35 -9.91 0.16
N ALA A 26 -4.79 -10.97 0.84
CA ALA A 26 -5.11 -10.87 2.26
C ALA A 26 -4.09 -10.01 3.00
N HIS A 27 -2.81 -10.21 2.67
CA HIS A 27 -1.74 -9.46 3.31
C HIS A 27 -1.90 -7.96 3.04
N LEU A 28 -2.32 -7.62 1.82
CA LEU A 28 -2.51 -6.23 1.45
C LEU A 28 -3.82 -5.67 2.04
N ILE A 29 -4.92 -6.34 1.74
CA ILE A 29 -6.22 -5.93 2.25
C ILE A 29 -6.12 -5.46 3.69
N GLN A 30 -5.23 -6.07 4.46
CA GLN A 30 -5.03 -5.70 5.86
C GLN A 30 -4.16 -4.46 5.98
N HIS A 31 -3.10 -4.42 5.19
CA HIS A 31 -2.18 -3.28 5.20
C HIS A 31 -2.89 -2.00 4.81
N GLN A 32 -3.53 -2.02 3.65
CA GLN A 32 -4.25 -0.84 3.15
C GLN A 32 -4.96 -0.13 4.28
N ARG A 33 -5.29 -0.87 5.34
CA ARG A 33 -5.98 -0.31 6.49
C ARG A 33 -5.17 0.83 7.11
N ILE A 34 -3.88 0.58 7.30
CA ILE A 34 -2.99 1.59 7.88
C ILE A 34 -3.15 2.93 7.18
N HIS A 35 -3.73 2.90 5.98
CA HIS A 35 -3.94 4.12 5.20
C HIS A 35 -5.43 4.47 5.12
N THR A 36 -6.26 3.44 5.04
CA THR A 36 -7.71 3.64 4.96
C THR A 36 -8.34 3.64 6.34
N GLY A 37 -9.16 4.66 6.60
CA GLY A 37 -9.81 4.76 7.89
C GLY A 37 -9.61 6.12 8.54
N GLU A 38 -10.71 6.79 8.87
CA GLU A 38 -10.65 8.10 9.50
C GLU A 38 -10.22 9.16 8.49
N LYS A 39 -10.67 9.01 7.25
CA LYS A 39 -10.34 9.95 6.19
C LYS A 39 -11.59 10.64 5.66
N PRO A 40 -11.46 11.92 5.31
CA PRO A 40 -12.57 12.72 4.78
C PRO A 40 -12.98 12.28 3.38
N SER A 41 -12.18 11.39 2.79
CA SER A 41 -12.46 10.89 1.44
C SER A 41 -12.74 9.40 1.47
N GLY A 42 -13.55 8.93 0.51
CA GLY A 42 -13.89 7.52 0.44
C GLY A 42 -14.62 7.04 1.68
N PRO A 43 -15.58 6.13 1.47
CA PRO A 43 -16.37 5.56 2.58
C PRO A 43 -15.55 4.64 3.47
N SER A 44 -15.79 4.74 4.78
CA SER A 44 -15.07 3.92 5.75
C SER A 44 -15.14 2.45 5.37
N SER A 45 -16.33 1.99 4.99
CA SER A 45 -16.53 0.60 4.61
C SER A 45 -15.93 0.32 3.24
N GLY A 46 -15.16 -0.75 3.14
CA GLY A 46 -14.54 -1.11 1.87
C GLY A 46 -15.46 -1.93 0.98
N GLY A 1 12.63 5.05 1.70
CA GLY A 1 13.10 5.28 0.35
C GLY A 1 14.34 4.48 0.02
N SER A 2 15.44 5.19 -0.23
CA SER A 2 16.71 4.52 -0.57
C SER A 2 16.47 3.38 -1.56
N SER A 3 15.62 3.63 -2.55
CA SER A 3 15.31 2.61 -3.55
C SER A 3 16.56 2.20 -4.31
N GLY A 4 17.04 0.98 -4.05
CA GLY A 4 18.22 0.48 -4.71
C GLY A 4 18.66 -0.86 -4.20
N SER A 5 17.70 -1.74 -3.96
CA SER A 5 17.98 -3.08 -3.46
C SER A 5 18.26 -4.04 -4.60
N SER A 6 18.68 -5.27 -4.26
CA SER A 6 18.99 -6.28 -5.26
C SER A 6 17.82 -7.23 -5.44
N GLY A 7 16.90 -6.87 -6.33
CA GLY A 7 15.74 -7.70 -6.60
C GLY A 7 14.52 -6.88 -6.99
N THR A 8 14.08 -7.06 -8.23
CA THR A 8 12.92 -6.33 -8.75
C THR A 8 11.87 -7.29 -9.31
N GLY A 9 10.70 -7.32 -8.68
CA GLY A 9 9.64 -8.20 -9.14
C GLY A 9 8.26 -7.65 -8.83
N GLU A 10 7.52 -7.28 -9.87
CA GLU A 10 6.18 -6.73 -9.71
C GLU A 10 5.25 -7.77 -9.08
N ARG A 11 4.80 -7.50 -7.86
CA ARG A 11 3.90 -8.41 -7.16
C ARG A 11 2.47 -8.23 -7.64
N PRO A 12 1.67 -9.31 -7.52
CA PRO A 12 0.27 -9.30 -7.93
C PRO A 12 -0.60 -8.42 -7.03
N HIS A 13 0.03 -7.77 -6.06
CA HIS A 13 -0.68 -6.90 -5.13
C HIS A 13 0.21 -5.76 -4.65
N LYS A 14 -0.07 -4.55 -5.13
CA LYS A 14 0.71 -3.39 -4.74
C LYS A 14 -0.18 -2.32 -4.11
N CYS A 15 0.36 -1.60 -3.13
CA CYS A 15 -0.39 -0.56 -2.45
C CYS A 15 -0.33 0.76 -3.23
N ASN A 16 -1.23 1.67 -2.92
CA ASN A 16 -1.28 2.97 -3.59
C ASN A 16 -0.92 4.09 -2.63
N GLU A 17 -1.37 3.96 -1.38
CA GLU A 17 -1.11 4.97 -0.36
C GLU A 17 0.40 5.19 -0.20
N CYS A 18 1.12 4.13 0.11
CA CYS A 18 2.57 4.20 0.29
C CYS A 18 3.29 3.59 -0.90
N GLY A 19 2.80 2.45 -1.37
CA GLY A 19 3.42 1.78 -2.50
C GLY A 19 4.01 0.44 -2.13
N LYS A 20 3.58 -0.10 -1.00
CA LYS A 20 4.06 -1.39 -0.53
C LYS A 20 3.33 -2.53 -1.22
N SER A 21 4.07 -3.58 -1.60
CA SER A 21 3.48 -4.73 -2.27
C SER A 21 3.54 -5.96 -1.37
N PHE A 22 2.69 -6.95 -1.67
CA PHE A 22 2.64 -8.18 -0.90
C PHE A 22 2.51 -9.39 -1.81
N ILE A 23 2.45 -10.57 -1.20
CA ILE A 23 2.31 -11.81 -1.97
C ILE A 23 0.85 -12.16 -2.20
N GLN A 24 0.06 -12.13 -1.13
CA GLN A 24 -1.35 -12.46 -1.21
C GLN A 24 -2.20 -11.20 -1.06
N SER A 25 -3.48 -11.31 -1.39
CA SER A 25 -4.40 -10.18 -1.30
C SER A 25 -4.76 -9.89 0.16
N ALA A 26 -4.85 -10.95 0.95
CA ALA A 26 -5.19 -10.82 2.36
C ALA A 26 -4.15 -9.97 3.10
N HIS A 27 -2.89 -10.11 2.71
CA HIS A 27 -1.81 -9.35 3.32
C HIS A 27 -1.99 -7.86 3.09
N LEU A 28 -2.27 -7.49 1.84
CA LEU A 28 -2.47 -6.09 1.49
C LEU A 28 -3.78 -5.56 2.06
N ILE A 29 -4.85 -6.29 1.83
CA ILE A 29 -6.17 -5.89 2.33
C ILE A 29 -6.10 -5.50 3.80
N GLN A 30 -5.20 -6.14 4.54
CA GLN A 30 -5.04 -5.86 5.95
C GLN A 30 -4.07 -4.70 6.17
N HIS A 31 -3.24 -4.43 5.17
CA HIS A 31 -2.26 -3.35 5.26
C HIS A 31 -2.91 -2.01 4.92
N GLN A 32 -3.44 -1.90 3.70
CA GLN A 32 -4.08 -0.67 3.25
C GLN A 32 -4.86 -0.02 4.40
N ARG A 33 -5.30 -0.84 5.34
CA ARG A 33 -6.06 -0.34 6.49
C ARG A 33 -5.26 0.73 7.24
N ILE A 34 -4.00 0.41 7.53
CA ILE A 34 -3.13 1.33 8.25
C ILE A 34 -3.27 2.76 7.70
N HIS A 35 -3.74 2.87 6.46
CA HIS A 35 -3.92 4.16 5.83
C HIS A 35 -5.34 4.68 6.03
N THR A 36 -6.32 3.79 5.90
CA THR A 36 -7.72 4.16 6.06
C THR A 36 -8.39 3.26 7.10
N GLY A 37 -8.93 3.89 8.15
CA GLY A 37 -9.60 3.13 9.19
C GLY A 37 -9.63 3.88 10.51
N GLU A 38 -8.46 4.31 10.98
CA GLU A 38 -8.36 5.03 12.25
C GLU A 38 -8.02 6.49 12.00
N LYS A 39 -8.76 7.39 12.66
CA LYS A 39 -8.54 8.82 12.51
C LYS A 39 -8.41 9.21 11.04
N PRO A 40 -9.33 8.69 10.21
CA PRO A 40 -9.34 8.97 8.78
C PRO A 40 -9.74 10.41 8.47
N SER A 41 -9.08 11.01 7.48
CA SER A 41 -9.37 12.38 7.09
C SER A 41 -10.76 12.51 6.50
N GLY A 42 -11.35 13.69 6.63
CA GLY A 42 -12.68 13.92 6.10
C GLY A 42 -12.85 15.31 5.52
N PRO A 43 -13.42 16.23 6.31
CA PRO A 43 -13.65 17.61 5.89
C PRO A 43 -12.35 18.40 5.76
N SER A 44 -11.27 17.85 6.32
CA SER A 44 -9.97 18.50 6.26
C SER A 44 -9.40 18.45 4.86
N SER A 45 -9.75 19.44 4.04
CA SER A 45 -9.27 19.51 2.66
C SER A 45 -9.64 20.84 2.03
N GLY A 46 -8.63 21.55 1.53
CA GLY A 46 -8.86 22.84 0.90
C GLY A 46 -7.68 23.32 0.11
#